data_6L9W
#
_entry.id   6L9W
#
_cell.length_a   149.278
_cell.length_b   115.885
_cell.length_c   80.938
_cell.angle_alpha   90.000
_cell.angle_beta   106.770
_cell.angle_gamma   90.000
#
_symmetry.space_group_name_H-M   'C 1 2 1'
#
_entity_poly.entity_id   1
_entity_poly.type   'polypeptide(L)'
_entity_poly.pdbx_seq_one_letter_code
;MSTFEDADEEETVTCLQMTIYHPGQQSGIFKSIRFSSKEKFPSIEVVKFGRNSNMCQYTFQDKQVSRIQFVLQPFKQFNS
SVLSFEIKNMSKKTSLMVDNQELGYLNKMDLPYKCMLRFGEYQFLLQKEDGESVESFETQFIMSSRPLLQENNWPTQNPI
PEDGMYSSYFTHRSSPSEMDENELLEHHHHHH
;
_entity_poly.pdbx_strand_id   A,B,C,D,E,F
#
# COMPACT_ATOMS: atom_id res chain seq x y z
N THR A 12 -38.98 3.52 -26.85
CA THR A 12 -38.20 2.30 -27.09
C THR A 12 -36.83 2.42 -26.44
N VAL A 13 -36.41 1.33 -25.78
CA VAL A 13 -35.19 1.31 -25.00
C VAL A 13 -34.28 0.21 -25.52
N THR A 14 -32.97 0.47 -25.48
CA THR A 14 -31.99 -0.52 -25.86
C THR A 14 -31.96 -1.64 -24.82
N CYS A 15 -32.21 -2.87 -25.26
CA CYS A 15 -32.25 -4.03 -24.38
C CYS A 15 -31.10 -4.97 -24.71
N LEU A 16 -30.49 -5.51 -23.65
CA LEU A 16 -29.45 -6.53 -23.79
C LEU A 16 -30.06 -7.87 -23.40
N GLN A 17 -30.28 -8.73 -24.39
CA GLN A 17 -30.84 -10.06 -24.15
C GLN A 17 -29.71 -11.04 -23.93
N MET A 18 -29.73 -11.73 -22.79
CA MET A 18 -28.69 -12.67 -22.39
C MET A 18 -29.29 -14.06 -22.27
N THR A 19 -28.90 -14.95 -23.17
CA THR A 19 -29.28 -16.36 -23.10
C THR A 19 -28.14 -17.14 -22.46
N ILE A 20 -28.42 -17.77 -21.33
CA ILE A 20 -27.40 -18.42 -20.52
C ILE A 20 -27.63 -19.92 -20.50
N TYR A 21 -26.52 -20.66 -20.40
CA TYR A 21 -26.57 -22.11 -20.24
C TYR A 21 -25.51 -22.53 -19.23
N HIS A 22 -25.90 -23.47 -18.37
CA HIS A 22 -24.97 -24.13 -17.45
C HIS A 22 -25.60 -25.46 -17.07
N PRO A 23 -24.87 -26.58 -17.16
CA PRO A 23 -25.48 -27.88 -16.91
C PRO A 23 -26.04 -28.03 -15.51
N GLY A 24 -25.61 -27.19 -14.57
CA GLY A 24 -26.16 -27.22 -13.21
C GLY A 24 -27.27 -26.21 -13.00
N GLN A 25 -27.92 -25.79 -14.09
CA GLN A 25 -28.98 -24.80 -13.98
C GLN A 25 -30.19 -25.31 -13.21
N GLN A 26 -30.40 -26.63 -13.15
CA GLN A 26 -31.47 -27.18 -12.34
C GLN A 26 -31.09 -27.35 -10.89
N SER A 27 -29.81 -27.22 -10.55
CA SER A 27 -29.35 -27.44 -9.18
C SER A 27 -29.62 -26.25 -8.27
N GLY A 28 -30.00 -25.10 -8.82
CA GLY A 28 -30.23 -23.90 -8.04
C GLY A 28 -29.21 -22.80 -8.22
N ILE A 29 -28.38 -22.87 -9.28
CA ILE A 29 -27.44 -21.79 -9.55
C ILE A 29 -28.17 -20.49 -9.83
N PHE A 30 -29.24 -20.56 -10.62
CA PHE A 30 -29.95 -19.37 -11.08
C PHE A 30 -31.19 -19.05 -10.26
N LYS A 31 -31.29 -19.56 -9.03
CA LYS A 31 -32.47 -19.33 -8.21
C LYS A 31 -32.67 -17.86 -7.85
N SER A 32 -31.68 -17.00 -8.11
CA SER A 32 -31.78 -15.58 -7.80
C SER A 32 -31.99 -14.72 -9.04
N ILE A 33 -31.98 -15.30 -10.23
CA ILE A 33 -32.10 -14.55 -11.48
C ILE A 33 -33.55 -14.62 -11.94
N ARG A 34 -34.16 -13.45 -12.14
CA ARG A 34 -35.52 -13.36 -12.66
C ARG A 34 -35.47 -13.49 -14.18
N PHE A 35 -35.98 -14.60 -14.70
CA PHE A 35 -35.96 -14.84 -16.14
C PHE A 35 -37.19 -14.24 -16.80
N SER A 36 -37.11 -14.10 -18.12
CA SER A 36 -38.20 -13.66 -18.99
C SER A 36 -38.54 -12.18 -18.81
N SER A 37 -38.20 -11.61 -17.66
CA SER A 37 -38.57 -10.24 -17.37
C SER A 37 -37.59 -9.26 -18.02
N LYS A 38 -37.96 -7.99 -17.99
CA LYS A 38 -37.08 -6.89 -18.37
C LYS A 38 -36.87 -6.00 -17.14
N GLU A 39 -35.63 -5.54 -16.96
CA GLU A 39 -35.28 -4.71 -15.81
C GLU A 39 -34.52 -3.49 -16.29
N LYS A 40 -34.99 -2.31 -15.90
CA LYS A 40 -34.45 -1.05 -16.39
C LYS A 40 -33.27 -0.60 -15.53
N PHE A 41 -32.26 -0.02 -16.18
CA PHE A 41 -31.08 0.49 -15.51
C PHE A 41 -30.71 1.84 -16.11
N PRO A 42 -30.45 2.85 -15.29
CA PRO A 42 -29.93 4.12 -15.82
C PRO A 42 -28.57 3.92 -16.47
N SER A 43 -28.23 4.79 -17.41
CA SER A 43 -26.94 4.76 -18.07
C SER A 43 -25.78 5.03 -17.12
N ILE A 44 -26.07 5.44 -15.89
CA ILE A 44 -25.01 5.67 -14.91
C ILE A 44 -24.54 4.36 -14.29
N GLU A 45 -25.43 3.38 -14.17
CA GLU A 45 -25.14 2.15 -13.45
C GLU A 45 -24.23 1.23 -14.25
N VAL A 46 -23.32 0.55 -13.55
CA VAL A 46 -22.49 -0.49 -14.13
C VAL A 46 -23.01 -1.82 -13.61
N VAL A 47 -23.35 -2.73 -14.51
CA VAL A 47 -23.92 -4.01 -14.14
C VAL A 47 -22.82 -4.95 -13.66
N LYS A 48 -23.09 -5.69 -12.60
CA LYS A 48 -22.11 -6.57 -11.98
C LYS A 48 -22.67 -7.96 -11.81
N PHE A 49 -21.89 -8.96 -12.21
CA PHE A 49 -22.25 -10.36 -12.06
C PHE A 49 -21.21 -11.05 -11.19
N GLY A 50 -21.66 -11.94 -10.30
CA GLY A 50 -20.73 -12.66 -9.46
C GLY A 50 -21.44 -13.37 -8.32
N ARG A 51 -20.63 -13.78 -7.34
CA ARG A 51 -21.12 -14.60 -6.24
C ARG A 51 -21.70 -13.78 -5.11
N ASN A 52 -21.20 -12.56 -4.90
CA ASN A 52 -21.59 -11.75 -3.75
C ASN A 52 -22.87 -10.99 -4.06
N SER A 53 -23.90 -11.22 -3.22
CA SER A 53 -25.20 -10.57 -3.43
C SER A 53 -25.18 -9.10 -3.06
N ASN A 54 -24.25 -8.67 -2.20
CA ASN A 54 -24.18 -7.27 -1.84
C ASN A 54 -23.41 -6.43 -2.85
N MET A 55 -22.60 -7.06 -3.70
CA MET A 55 -21.77 -6.35 -4.67
C MET A 55 -22.25 -6.49 -6.11
N CYS A 56 -23.13 -7.44 -6.39
CA CYS A 56 -23.57 -7.72 -7.75
C CYS A 56 -25.08 -7.65 -7.84
N GLN A 57 -25.57 -7.05 -8.93
CA GLN A 57 -27.02 -7.02 -9.16
C GLN A 57 -27.55 -8.40 -9.49
N TYR A 58 -26.84 -9.14 -10.34
CA TYR A 58 -27.22 -10.49 -10.74
C TYR A 58 -26.21 -11.47 -10.19
N THR A 59 -26.66 -12.38 -9.34
CA THR A 59 -25.78 -13.24 -8.56
C THR A 59 -25.98 -14.71 -8.92
N PHE A 60 -24.92 -15.49 -8.75
CA PHE A 60 -24.93 -16.92 -9.01
C PHE A 60 -24.47 -17.66 -7.76
N GLN A 61 -25.18 -18.74 -7.42
CA GLN A 61 -24.87 -19.50 -6.21
C GLN A 61 -23.66 -20.40 -6.37
N ASP A 62 -23.15 -20.61 -7.58
CA ASP A 62 -21.99 -21.45 -7.78
C ASP A 62 -20.77 -20.87 -7.09
N LYS A 63 -20.04 -21.70 -6.35
CA LYS A 63 -18.83 -21.27 -5.68
C LYS A 63 -17.63 -21.19 -6.61
N GLN A 64 -17.75 -21.70 -7.83
CA GLN A 64 -16.72 -21.52 -8.85
C GLN A 64 -16.79 -20.14 -9.48
N VAL A 65 -17.73 -19.30 -9.07
CA VAL A 65 -17.88 -17.94 -9.57
C VAL A 65 -17.25 -16.99 -8.57
N SER A 66 -16.44 -16.06 -9.06
CA SER A 66 -15.74 -15.13 -8.19
C SER A 66 -16.72 -14.21 -7.48
N ARG A 67 -16.19 -13.47 -6.51
CA ARG A 67 -16.99 -12.46 -5.81
C ARG A 67 -17.69 -11.54 -6.80
N ILE A 68 -16.94 -10.99 -7.75
CA ILE A 68 -17.49 -10.22 -8.86
C ILE A 68 -16.86 -10.78 -10.12
N GLN A 69 -17.66 -11.44 -10.96
CA GLN A 69 -17.12 -12.13 -12.13
C GLN A 69 -16.69 -11.13 -13.19
N PHE A 70 -17.59 -10.23 -13.59
CA PHE A 70 -17.30 -9.25 -14.62
C PHE A 70 -18.33 -8.13 -14.54
N VAL A 71 -18.13 -7.10 -15.35
CA VAL A 71 -19.02 -5.94 -15.36
C VAL A 71 -19.42 -5.61 -16.79
N LEU A 72 -20.64 -5.10 -16.94
CA LEU A 72 -21.15 -4.56 -18.19
C LEU A 72 -21.60 -3.13 -17.96
N GLN A 73 -21.25 -2.24 -18.89
CA GLN A 73 -21.61 -0.83 -18.76
C GLN A 73 -21.91 -0.22 -20.11
N PRO A 74 -22.91 0.66 -20.19
CA PRO A 74 -23.26 1.27 -21.48
C PRO A 74 -22.37 2.46 -21.82
N PHE A 75 -22.28 2.73 -23.12
CA PHE A 75 -21.57 3.90 -23.62
C PHE A 75 -22.08 4.17 -25.04
N LYS A 76 -21.58 5.27 -25.61
CA LYS A 76 -21.92 5.65 -26.97
C LYS A 76 -20.64 5.80 -27.77
N GLN A 77 -20.52 5.01 -28.84
CA GLN A 77 -19.44 5.21 -29.79
C GLN A 77 -19.58 6.57 -30.45
N PHE A 78 -18.48 7.06 -31.02
CA PHE A 78 -18.48 8.38 -31.64
C PHE A 78 -19.49 8.44 -32.78
N ASN A 79 -20.07 9.62 -32.98
CA ASN A 79 -21.05 9.90 -34.02
C ASN A 79 -22.35 9.13 -33.79
N SER A 80 -22.26 7.81 -33.64
CA SER A 80 -23.45 7.00 -33.43
C SER A 80 -24.12 7.36 -32.10
N SER A 81 -25.39 7.75 -32.19
CA SER A 81 -26.19 8.10 -31.01
C SER A 81 -27.08 6.95 -30.58
N VAL A 82 -26.49 5.78 -30.42
CA VAL A 82 -27.18 4.60 -29.90
C VAL A 82 -26.22 3.88 -28.95
N LEU A 83 -26.80 3.24 -27.94
CA LEU A 83 -26.00 2.65 -26.88
C LEU A 83 -25.26 1.42 -27.35
N SER A 84 -24.01 1.29 -26.92
CA SER A 84 -23.23 0.06 -27.01
C SER A 84 -22.89 -0.40 -25.59
N PHE A 85 -22.18 -1.52 -25.49
CA PHE A 85 -21.87 -2.11 -24.19
C PHE A 85 -20.41 -2.50 -24.13
N GLU A 86 -19.76 -2.17 -23.02
CA GLU A 86 -18.39 -2.56 -22.73
C GLU A 86 -18.40 -3.61 -21.63
N ILE A 87 -17.62 -4.68 -21.83
CA ILE A 87 -17.45 -5.71 -20.81
C ILE A 87 -16.05 -5.60 -20.23
N LYS A 88 -15.91 -6.00 -18.98
CA LYS A 88 -14.61 -5.99 -18.30
C LYS A 88 -14.59 -7.12 -17.28
N ASN A 89 -13.58 -7.98 -17.37
CA ASN A 89 -13.45 -9.10 -16.45
C ASN A 89 -12.95 -8.60 -15.10
N MET A 90 -13.72 -8.87 -14.05
CA MET A 90 -13.37 -8.50 -12.69
C MET A 90 -12.81 -9.66 -11.88
N SER A 91 -12.61 -10.82 -12.50
CA SER A 91 -12.13 -12.01 -11.81
C SER A 91 -10.62 -12.11 -11.97
N LYS A 92 -9.91 -12.10 -10.84
CA LYS A 92 -8.46 -12.26 -10.88
C LYS A 92 -8.07 -13.67 -11.32
N LYS A 93 -8.88 -14.67 -10.96
CA LYS A 93 -8.55 -16.07 -11.23
C LYS A 93 -9.07 -16.49 -12.59
N THR A 94 -10.39 -16.62 -12.72
CA THR A 94 -10.98 -17.15 -13.95
C THR A 94 -10.87 -16.13 -15.07
N SER A 95 -10.27 -16.53 -16.19
CA SER A 95 -10.25 -15.68 -17.36
C SER A 95 -11.63 -15.67 -18.02
N LEU A 96 -11.84 -14.67 -18.88
CA LEU A 96 -13.13 -14.44 -19.52
C LEU A 96 -12.98 -14.51 -21.03
N MET A 97 -13.87 -15.24 -21.68
CA MET A 97 -13.84 -15.43 -23.14
C MET A 97 -14.96 -14.63 -23.78
N VAL A 98 -14.59 -13.69 -24.64
CA VAL A 98 -15.53 -12.95 -25.48
C VAL A 98 -15.33 -13.46 -26.90
N ASP A 99 -16.29 -14.24 -27.40
CA ASP A 99 -16.17 -14.96 -28.66
C ASP A 99 -14.92 -15.83 -28.65
N ASN A 100 -13.83 -15.34 -29.25
CA ASN A 100 -12.58 -16.07 -29.32
C ASN A 100 -11.43 -15.29 -28.69
N GLN A 101 -11.72 -14.36 -27.78
CA GLN A 101 -10.71 -13.51 -27.16
C GLN A 101 -10.73 -13.72 -25.65
N GLU A 102 -9.56 -13.98 -25.08
CA GLU A 102 -9.43 -14.21 -23.65
C GLU A 102 -9.17 -12.90 -22.93
N LEU A 103 -9.86 -12.69 -21.81
CA LEU A 103 -9.75 -11.47 -21.02
C LEU A 103 -9.26 -11.84 -19.62
N GLY A 104 -8.11 -11.31 -19.23
CA GLY A 104 -7.59 -11.49 -17.90
C GLY A 104 -8.22 -10.51 -16.93
N TYR A 105 -7.58 -10.35 -15.79
CA TYR A 105 -8.08 -9.43 -14.76
C TYR A 105 -8.02 -8.00 -15.28
N LEU A 106 -9.18 -7.33 -15.30
CA LEU A 106 -9.36 -5.94 -15.70
C LEU A 106 -9.16 -5.70 -17.19
N ASN A 107 -9.07 -6.74 -18.00
CA ASN A 107 -9.08 -6.57 -19.45
C ASN A 107 -10.50 -6.29 -19.92
N LYS A 108 -10.64 -5.33 -20.82
CA LYS A 108 -11.94 -4.88 -21.30
C LYS A 108 -12.06 -5.06 -22.80
N MET A 109 -13.29 -4.93 -23.29
CA MET A 109 -13.60 -5.06 -24.71
C MET A 109 -15.03 -4.58 -24.94
N ASP A 110 -15.24 -3.88 -26.06
CA ASP A 110 -16.56 -3.41 -26.44
C ASP A 110 -17.28 -4.49 -27.24
N LEU A 111 -18.56 -4.68 -26.94
CA LEU A 111 -19.24 -5.85 -27.49
C LEU A 111 -19.99 -5.49 -28.77
N PRO A 112 -19.92 -6.36 -29.78
CA PRO A 112 -20.79 -6.20 -30.94
C PRO A 112 -22.24 -6.54 -30.60
N TYR A 113 -23.12 -6.44 -31.60
CA TYR A 113 -24.53 -6.72 -31.37
C TYR A 113 -24.74 -8.15 -30.90
N LYS A 114 -23.97 -9.10 -31.43
CA LYS A 114 -24.12 -10.51 -31.10
C LYS A 114 -22.74 -11.11 -30.86
N CYS A 115 -22.54 -11.66 -29.66
CA CYS A 115 -21.26 -12.26 -29.31
C CYS A 115 -21.50 -13.34 -28.26
N MET A 116 -20.47 -14.16 -28.05
CA MET A 116 -20.53 -15.28 -27.13
C MET A 116 -19.61 -15.02 -25.94
N LEU A 117 -20.13 -15.22 -24.73
CA LEU A 117 -19.34 -15.15 -23.52
C LEU A 117 -19.13 -16.56 -22.96
N ARG A 118 -17.97 -16.75 -22.33
CA ARG A 118 -17.60 -18.05 -21.78
C ARG A 118 -16.68 -17.84 -20.60
N PHE A 119 -17.09 -18.32 -19.43
CA PHE A 119 -16.22 -18.33 -18.26
C PHE A 119 -16.54 -19.57 -17.44
N GLY A 120 -15.51 -20.34 -17.09
CA GLY A 120 -15.72 -21.60 -16.41
C GLY A 120 -16.56 -22.53 -17.27
N GLU A 121 -17.62 -23.08 -16.68
CA GLU A 121 -18.58 -23.91 -17.40
C GLU A 121 -19.78 -23.12 -17.89
N TYR A 122 -19.73 -21.79 -17.79
CA TYR A 122 -20.86 -20.95 -18.18
C TYR A 122 -20.77 -20.58 -19.66
N GLN A 123 -21.94 -20.33 -20.25
CA GLN A 123 -22.05 -19.90 -21.63
C GLN A 123 -23.13 -18.84 -21.71
N PHE A 124 -22.79 -17.68 -22.27
CA PHE A 124 -23.69 -16.55 -22.38
C PHE A 124 -23.82 -16.15 -23.85
N LEU A 125 -25.06 -16.06 -24.34
CA LEU A 125 -25.35 -15.50 -25.65
C LEU A 125 -25.86 -14.08 -25.45
N LEU A 126 -25.16 -13.10 -26.02
CA LEU A 126 -25.48 -11.69 -25.83
C LEU A 126 -25.96 -11.10 -27.15
N GLN A 127 -27.17 -10.54 -27.14
CA GLN A 127 -27.74 -9.87 -28.29
C GLN A 127 -28.26 -8.51 -27.87
N LYS A 128 -27.89 -7.47 -28.62
CA LYS A 128 -28.29 -6.10 -28.34
C LYS A 128 -29.49 -5.75 -29.22
N GLU A 129 -30.59 -5.39 -28.58
CA GLU A 129 -31.83 -5.02 -29.27
C GLU A 129 -31.97 -3.50 -29.13
N ASP A 130 -31.67 -2.79 -30.21
CA ASP A 130 -31.50 -1.34 -30.15
C ASP A 130 -32.83 -0.63 -29.89
N GLY A 131 -32.79 0.31 -28.94
CA GLY A 131 -33.80 1.32 -28.80
C GLY A 131 -33.19 2.69 -29.07
N GLU A 132 -34.05 3.71 -29.00
CA GLU A 132 -33.59 5.06 -29.27
C GLU A 132 -33.22 5.84 -28.01
N SER A 133 -33.66 5.39 -26.83
CA SER A 133 -33.31 6.06 -25.60
C SER A 133 -31.85 5.80 -25.24
N VAL A 134 -31.15 6.86 -24.84
CA VAL A 134 -29.78 6.76 -24.34
C VAL A 134 -29.68 7.07 -22.86
N GLU A 135 -30.79 7.33 -22.20
CA GLU A 135 -30.80 7.66 -20.78
C GLU A 135 -30.92 6.43 -19.89
N SER A 136 -31.21 5.27 -20.46
CA SER A 136 -31.31 4.04 -19.69
C SER A 136 -31.27 2.86 -20.65
N PHE A 137 -31.20 1.66 -20.08
CA PHE A 137 -31.23 0.43 -20.85
C PHE A 137 -31.92 -0.65 -20.03
N GLU A 138 -32.11 -1.82 -20.62
CA GLU A 138 -32.79 -2.93 -19.96
C GLU A 138 -32.07 -4.23 -20.27
N THR A 139 -32.29 -5.22 -19.41
CA THR A 139 -31.70 -6.54 -19.53
C THR A 139 -32.78 -7.60 -19.48
N GLN A 140 -32.53 -8.73 -20.15
CA GLN A 140 -33.43 -9.87 -20.14
C GLN A 140 -32.63 -11.16 -20.16
N PHE A 141 -33.03 -12.12 -19.33
CA PHE A 141 -32.35 -13.39 -19.20
C PHE A 141 -33.24 -14.51 -19.72
N ILE A 142 -32.68 -15.32 -20.63
CA ILE A 142 -33.36 -16.48 -21.19
C ILE A 142 -32.51 -17.71 -20.87
N MET A 143 -33.15 -18.76 -20.39
CA MET A 143 -32.45 -20.01 -20.10
C MET A 143 -32.54 -20.95 -21.29
N SER A 144 -31.45 -21.66 -21.55
CA SER A 144 -31.37 -22.59 -22.68
C SER A 144 -31.27 -24.01 -22.15
N SER A 145 -32.16 -24.88 -22.61
CA SER A 145 -32.09 -26.29 -22.21
C SER A 145 -30.82 -26.94 -22.75
N ARG A 146 -30.49 -26.67 -24.00
CA ARG A 146 -29.32 -27.21 -24.68
C ARG A 146 -28.12 -26.28 -24.52
N PRO A 147 -26.91 -26.83 -24.51
CA PRO A 147 -25.73 -25.98 -24.59
C PRO A 147 -25.70 -25.20 -25.90
N LEU A 148 -25.13 -24.01 -25.84
CA LEU A 148 -25.05 -23.11 -26.98
C LEU A 148 -23.80 -23.35 -27.83
N LEU A 149 -22.90 -24.22 -27.40
CA LEU A 149 -21.66 -24.46 -28.13
C LEU A 149 -21.03 -25.78 -27.70
N THR B 12 4.43 -0.97 -5.24
CA THR B 12 3.95 0.39 -5.34
C THR B 12 2.52 0.40 -5.91
N VAL B 13 1.72 1.37 -5.46
CA VAL B 13 0.36 1.54 -5.94
C VAL B 13 0.35 2.63 -7.01
N THR B 14 -0.36 2.40 -8.10
CA THR B 14 -0.45 3.38 -9.17
C THR B 14 -1.32 4.54 -8.72
N CYS B 15 -0.77 5.76 -8.78
CA CYS B 15 -1.48 6.95 -8.37
C CYS B 15 -1.75 7.83 -9.58
N LEU B 16 -2.98 8.34 -9.69
CA LEU B 16 -3.35 9.28 -10.74
C LEU B 16 -3.34 10.67 -10.14
N GLN B 17 -2.26 11.41 -10.40
CA GLN B 17 -2.15 12.78 -9.92
C GLN B 17 -2.99 13.69 -10.82
N MET B 18 -3.80 14.54 -10.21
CA MET B 18 -4.72 15.42 -10.93
C MET B 18 -4.50 16.85 -10.46
N THR B 19 -3.86 17.66 -11.30
CA THR B 19 -3.69 19.08 -11.03
C THR B 19 -4.86 19.83 -11.65
N ILE B 20 -5.66 20.47 -10.81
CA ILE B 20 -6.93 21.06 -11.22
C ILE B 20 -6.86 22.57 -11.07
N TYR B 21 -7.56 23.28 -11.97
CA TYR B 21 -7.63 24.73 -11.96
C TYR B 21 -9.02 25.17 -12.39
N HIS B 22 -9.48 26.27 -11.79
CA HIS B 22 -10.72 26.91 -12.19
C HIS B 22 -10.57 28.40 -11.91
N PRO B 23 -11.02 29.27 -12.82
CA PRO B 23 -10.86 30.72 -12.60
C PRO B 23 -11.50 31.20 -11.30
N GLY B 24 -12.55 30.55 -10.83
CA GLY B 24 -13.16 30.93 -9.57
C GLY B 24 -12.97 29.91 -8.48
N GLN B 25 -11.75 29.37 -8.38
CA GLN B 25 -11.51 28.26 -7.46
C GLN B 25 -11.53 28.72 -6.00
N GLN B 26 -11.23 29.98 -5.73
CA GLN B 26 -11.24 30.48 -4.36
C GLN B 26 -12.65 30.63 -3.81
N SER B 27 -13.68 30.55 -4.65
CA SER B 27 -15.05 30.74 -4.19
C SER B 27 -15.51 29.62 -3.26
N GLY B 28 -14.83 28.48 -3.28
CA GLY B 28 -15.24 27.34 -2.49
C GLY B 28 -15.82 26.20 -3.31
N ILE B 29 -15.57 26.17 -4.62
CA ILE B 29 -16.01 25.05 -5.45
C ILE B 29 -15.20 23.79 -5.19
N PHE B 30 -14.06 23.89 -4.52
CA PHE B 30 -13.32 22.75 -4.04
C PHE B 30 -13.41 22.61 -2.53
N LYS B 31 -14.48 23.15 -1.93
CA LYS B 31 -14.66 23.14 -0.49
C LYS B 31 -14.56 21.74 0.09
N SER B 32 -15.04 20.74 -0.64
CA SER B 32 -15.14 19.38 -0.15
C SER B 32 -14.03 18.47 -0.67
N ILE B 33 -13.09 18.98 -1.45
CA ILE B 33 -12.00 18.18 -1.98
C ILE B 33 -10.83 18.23 -1.02
N ARG B 34 -10.21 17.08 -0.76
CA ARG B 34 -9.07 16.97 0.13
C ARG B 34 -7.80 16.92 -0.72
N PHE B 35 -6.96 17.94 -0.60
CA PHE B 35 -5.77 18.07 -1.44
C PHE B 35 -4.55 17.49 -0.75
N SER B 36 -3.45 17.44 -1.51
CA SER B 36 -2.12 17.04 -1.05
C SER B 36 -2.04 15.56 -0.72
N SER B 37 -3.06 15.02 -0.05
CA SER B 37 -3.00 13.65 0.42
C SER B 37 -3.45 12.67 -0.66
N LYS B 38 -3.17 11.39 -0.42
CA LYS B 38 -3.53 10.30 -1.32
C LYS B 38 -4.69 9.50 -0.75
N GLU B 39 -5.63 9.14 -1.61
CA GLU B 39 -6.76 8.30 -1.24
C GLU B 39 -6.76 7.07 -2.13
N LYS B 40 -6.86 5.89 -1.50
CA LYS B 40 -6.75 4.61 -2.20
C LYS B 40 -8.13 4.03 -2.49
N PHE B 41 -8.29 3.49 -3.69
CA PHE B 41 -9.53 2.85 -4.12
C PHE B 41 -9.24 1.45 -4.61
N PRO B 42 -10.19 0.53 -4.47
CA PRO B 42 -10.04 -0.79 -5.08
C PRO B 42 -10.21 -0.72 -6.59
N SER B 43 -9.69 -1.74 -7.26
CA SER B 43 -9.83 -1.83 -8.71
C SER B 43 -11.26 -2.10 -9.15
N ILE B 44 -12.16 -2.39 -8.23
CA ILE B 44 -13.57 -2.55 -8.58
C ILE B 44 -14.26 -1.20 -8.78
N GLU B 45 -13.69 -0.14 -8.22
CA GLU B 45 -14.41 1.11 -8.06
C GLU B 45 -14.48 1.90 -9.37
N VAL B 46 -15.59 2.61 -9.55
CA VAL B 46 -15.73 3.64 -10.58
C VAL B 46 -15.83 4.98 -9.87
N VAL B 47 -14.83 5.84 -10.08
CA VAL B 47 -14.74 7.11 -9.40
C VAL B 47 -15.52 8.15 -10.20
N LYS B 48 -16.43 8.85 -9.53
CA LYS B 48 -17.33 9.80 -10.17
C LYS B 48 -17.03 11.22 -9.72
N PHE B 49 -17.17 12.17 -10.65
CA PHE B 49 -16.98 13.59 -10.40
C PHE B 49 -18.24 14.33 -10.81
N GLY B 50 -18.73 15.20 -9.93
CA GLY B 50 -19.92 15.97 -10.26
C GLY B 50 -20.39 16.79 -9.09
N ARG B 51 -21.65 17.25 -9.20
CA ARG B 51 -22.27 18.13 -8.22
C ARG B 51 -22.95 17.38 -7.08
N ASN B 52 -23.35 16.13 -7.30
CA ASN B 52 -24.08 15.36 -6.32
C ASN B 52 -23.12 14.70 -5.33
N SER B 53 -23.29 15.01 -4.04
CA SER B 53 -22.45 14.41 -3.01
C SER B 53 -22.83 12.96 -2.74
N ASN B 54 -24.09 12.60 -2.94
CA ASN B 54 -24.51 11.22 -2.68
C ASN B 54 -24.00 10.26 -3.74
N MET B 55 -23.83 10.74 -4.98
CA MET B 55 -23.40 9.87 -6.07
C MET B 55 -21.89 9.90 -6.29
N CYS B 56 -21.28 11.09 -6.24
CA CYS B 56 -19.88 11.26 -6.60
C CYS B 56 -18.99 11.22 -5.36
N GLN B 57 -17.85 10.54 -5.48
CA GLN B 57 -16.86 10.55 -4.41
C GLN B 57 -16.24 11.93 -4.27
N TYR B 58 -16.00 12.62 -5.39
CA TYR B 58 -15.43 13.95 -5.40
C TYR B 58 -16.47 14.92 -5.95
N THR B 59 -16.84 15.89 -5.13
CA THR B 59 -17.93 16.80 -5.43
C THR B 59 -17.41 18.22 -5.66
N PHE B 60 -18.09 18.95 -6.53
CA PHE B 60 -17.79 20.35 -6.83
C PHE B 60 -18.99 21.20 -6.44
N GLN B 61 -18.77 22.19 -5.59
CA GLN B 61 -19.82 23.13 -5.20
C GLN B 61 -20.00 24.13 -6.33
N ASP B 62 -20.74 23.69 -7.35
CA ASP B 62 -20.91 24.49 -8.57
C ASP B 62 -22.15 23.99 -9.30
N LYS B 63 -23.12 24.89 -9.55
CA LYS B 63 -24.31 24.53 -10.29
C LYS B 63 -24.04 24.36 -11.78
N GLN B 64 -22.90 24.84 -12.28
CA GLN B 64 -22.54 24.65 -13.68
C GLN B 64 -22.05 23.24 -13.97
N VAL B 65 -21.84 22.42 -12.96
CA VAL B 65 -21.41 21.04 -13.13
C VAL B 65 -22.63 20.14 -13.00
N SER B 66 -22.73 19.16 -13.90
CA SER B 66 -23.86 18.24 -13.89
C SER B 66 -23.91 17.44 -12.58
N ARG B 67 -25.02 16.74 -12.38
CA ARG B 67 -25.15 15.86 -11.23
C ARG B 67 -23.98 14.88 -11.17
N ILE B 68 -23.62 14.30 -12.31
CA ILE B 68 -22.40 13.53 -12.47
C ILE B 68 -21.72 13.99 -13.75
N GLN B 69 -20.55 14.61 -13.62
CA GLN B 69 -19.89 15.18 -14.78
C GLN B 69 -19.22 14.10 -15.63
N PHE B 70 -18.40 13.26 -15.01
CA PHE B 70 -17.71 12.19 -15.72
C PHE B 70 -17.22 11.19 -14.69
N VAL B 71 -16.74 10.04 -15.19
CA VAL B 71 -16.24 8.97 -14.33
C VAL B 71 -14.87 8.52 -14.80
N LEU B 72 -14.07 8.05 -13.86
CA LEU B 72 -12.79 7.41 -14.13
C LEU B 72 -12.79 6.03 -13.51
N GLN B 73 -12.32 5.04 -14.26
CA GLN B 73 -12.26 3.67 -13.77
C GLN B 73 -10.99 3.00 -14.25
N PRO B 74 -10.39 2.15 -13.42
CA PRO B 74 -9.14 1.49 -13.82
C PRO B 74 -9.40 0.26 -14.68
N PHE B 75 -8.44 -0.02 -15.56
CA PHE B 75 -8.47 -1.22 -16.38
C PHE B 75 -7.04 -1.60 -16.72
N LYS B 76 -6.88 -2.66 -17.49
CA LYS B 76 -5.58 -3.16 -17.89
C LYS B 76 -5.55 -3.34 -19.40
N GLN B 77 -4.53 -2.80 -20.05
CA GLN B 77 -4.34 -3.04 -21.47
C GLN B 77 -3.82 -4.45 -21.70
N PHE B 78 -4.11 -4.99 -22.87
CA PHE B 78 -3.84 -6.39 -23.15
C PHE B 78 -2.35 -6.70 -23.05
N ASN B 79 -2.02 -7.71 -22.24
CA ASN B 79 -0.64 -8.14 -22.01
C ASN B 79 0.23 -7.02 -21.44
N SER B 80 -0.37 -6.15 -20.64
CA SER B 80 0.34 -5.17 -19.84
C SER B 80 0.08 -5.44 -18.37
N SER B 81 1.13 -5.39 -17.56
CA SER B 81 1.05 -5.75 -16.15
C SER B 81 0.89 -4.54 -15.23
N VAL B 82 0.15 -3.52 -15.68
CA VAL B 82 -0.06 -2.31 -14.89
C VAL B 82 -1.39 -1.70 -15.27
N LEU B 83 -1.88 -0.80 -14.43
CA LEU B 83 -3.19 -0.20 -14.60
C LEU B 83 -3.16 0.92 -15.63
N SER B 84 -4.29 1.07 -16.32
CA SER B 84 -4.59 2.27 -17.09
C SER B 84 -5.95 2.79 -16.63
N PHE B 85 -6.31 3.99 -17.08
CA PHE B 85 -7.55 4.63 -16.66
C PHE B 85 -8.37 5.02 -17.88
N GLU B 86 -9.66 4.70 -17.84
CA GLU B 86 -10.60 5.07 -18.89
C GLU B 86 -11.56 6.12 -18.34
N ILE B 87 -11.89 7.10 -19.18
CA ILE B 87 -12.78 8.18 -18.81
C ILE B 87 -14.06 8.06 -19.65
N LYS B 88 -15.17 8.51 -19.07
CA LYS B 88 -16.44 8.50 -19.75
C LYS B 88 -17.25 9.72 -19.33
N ASN B 89 -17.70 10.49 -20.32
CA ASN B 89 -18.46 11.71 -20.04
C ASN B 89 -19.88 11.35 -19.65
N MET B 90 -20.31 11.79 -18.47
CA MET B 90 -21.65 11.52 -17.97
C MET B 90 -22.54 12.76 -18.01
N SER B 91 -22.13 13.81 -18.71
CA SER B 91 -22.88 15.05 -18.78
C SER B 91 -23.55 15.18 -20.14
N LYS B 92 -24.84 15.51 -20.12
CA LYS B 92 -25.60 15.67 -21.37
C LYS B 92 -25.32 17.03 -22.00
N LYS B 93 -25.35 18.09 -21.20
CA LYS B 93 -25.22 19.44 -21.76
C LYS B 93 -23.78 19.83 -22.02
N THR B 94 -22.85 19.39 -21.18
CA THR B 94 -21.47 19.83 -21.26
C THR B 94 -20.59 18.77 -21.92
N SER B 95 -19.72 19.21 -22.83
CA SER B 95 -18.76 18.32 -23.46
C SER B 95 -17.58 18.08 -22.52
N LEU B 96 -16.62 17.29 -22.99
CA LEU B 96 -15.44 16.97 -22.21
C LEU B 96 -14.25 16.85 -23.15
N MET B 97 -13.26 17.73 -22.98
CA MET B 97 -12.10 17.80 -23.87
C MET B 97 -10.95 17.01 -23.26
N VAL B 98 -10.62 15.88 -23.89
CA VAL B 98 -9.41 15.12 -23.57
C VAL B 98 -8.35 15.52 -24.59
N ASP B 99 -7.52 16.50 -24.23
CA ASP B 99 -6.60 17.18 -25.15
C ASP B 99 -7.43 17.75 -26.29
N ASN B 100 -7.23 17.35 -27.56
CA ASN B 100 -8.00 17.88 -28.66
C ASN B 100 -9.02 16.88 -29.20
N GLN B 101 -9.58 16.06 -28.33
CA GLN B 101 -10.64 15.13 -28.69
C GLN B 101 -11.85 15.44 -27.82
N GLU B 102 -12.99 15.69 -28.46
CA GLU B 102 -14.20 16.08 -27.77
C GLU B 102 -15.05 14.85 -27.48
N LEU B 103 -15.58 14.77 -26.26
CA LEU B 103 -16.38 13.64 -25.81
C LEU B 103 -17.80 14.12 -25.51
N GLY B 104 -18.77 13.59 -26.24
CA GLY B 104 -20.17 13.87 -25.98
C GLY B 104 -20.69 13.02 -24.83
N TYR B 105 -22.02 13.01 -24.72
CA TYR B 105 -22.66 12.23 -23.67
C TYR B 105 -22.38 10.74 -23.87
N LEU B 106 -21.88 10.09 -22.81
CA LEU B 106 -21.58 8.67 -22.80
C LEU B 106 -20.50 8.27 -23.80
N ASN B 107 -19.66 9.22 -24.22
CA ASN B 107 -18.47 8.89 -24.97
C ASN B 107 -17.33 8.54 -24.02
N LYS B 108 -16.45 7.65 -24.46
CA LYS B 108 -15.37 7.17 -23.62
C LYS B 108 -14.07 7.13 -24.41
N MET B 109 -12.96 7.06 -23.68
CA MET B 109 -11.63 7.06 -24.27
C MET B 109 -10.63 6.56 -23.23
N ASP B 110 -9.64 5.82 -23.69
CA ASP B 110 -8.57 5.36 -22.80
C ASP B 110 -7.52 6.45 -22.65
N LEU B 111 -7.21 6.81 -21.41
CA LEU B 111 -6.33 7.94 -21.17
C LEU B 111 -4.87 7.52 -21.27
N PRO B 112 -4.02 8.36 -21.86
CA PRO B 112 -2.57 8.10 -21.83
C PRO B 112 -1.97 8.48 -20.48
N TYR B 113 -0.64 8.47 -20.40
CA TYR B 113 0.03 8.83 -19.16
C TYR B 113 -0.17 10.30 -18.81
N LYS B 114 -0.22 11.18 -19.80
CA LYS B 114 -0.35 12.61 -19.58
C LYS B 114 -1.35 13.18 -20.57
N CYS B 115 -2.40 13.82 -20.04
CA CYS B 115 -3.42 14.42 -20.89
C CYS B 115 -4.08 15.56 -20.14
N MET B 116 -4.77 16.42 -20.90
CA MET B 116 -5.47 17.57 -20.37
C MET B 116 -6.98 17.36 -20.44
N LEU B 117 -7.67 17.70 -19.37
CA LEU B 117 -9.13 17.60 -19.31
C LEU B 117 -9.73 18.99 -19.19
N ARG B 118 -10.76 19.26 -19.99
CA ARG B 118 -11.48 20.52 -19.97
C ARG B 118 -12.97 20.25 -20.07
N PHE B 119 -13.74 20.81 -19.14
CA PHE B 119 -15.19 20.76 -19.19
C PHE B 119 -15.71 22.03 -18.54
N GLY B 120 -16.67 22.69 -19.19
CA GLY B 120 -17.04 24.03 -18.76
C GLY B 120 -15.82 24.93 -18.88
N GLU B 121 -15.38 25.48 -17.76
CA GLU B 121 -14.11 26.20 -17.67
C GLU B 121 -13.23 25.60 -16.59
N TYR B 122 -13.29 24.28 -16.45
CA TYR B 122 -12.40 23.53 -15.57
C TYR B 122 -11.22 23.00 -16.37
N GLN B 123 -10.06 22.94 -15.71
CA GLN B 123 -8.84 22.44 -16.33
C GLN B 123 -8.22 21.40 -15.40
N PHE B 124 -7.99 20.20 -15.92
CA PHE B 124 -7.48 19.08 -15.14
C PHE B 124 -6.23 18.55 -15.81
N LEU B 125 -5.08 18.72 -15.14
CA LEU B 125 -3.83 18.13 -15.59
C LEU B 125 -3.72 16.72 -15.00
N LEU B 126 -3.64 15.72 -15.87
CA LEU B 126 -3.66 14.33 -15.45
C LEU B 126 -2.32 13.68 -15.79
N GLN B 127 -1.62 13.21 -14.75
CA GLN B 127 -0.38 12.47 -14.88
C GLN B 127 -0.51 11.19 -14.07
N LYS B 128 -0.18 10.05 -14.67
CA LYS B 128 -0.26 8.76 -14.00
C LYS B 128 1.14 8.27 -13.65
N GLU B 129 1.34 7.96 -12.37
CA GLU B 129 2.58 7.37 -11.89
C GLU B 129 2.30 5.91 -11.53
N ASP B 130 3.00 5.00 -12.18
CA ASP B 130 2.65 3.59 -12.09
C ASP B 130 3.20 2.93 -10.83
N GLY B 131 2.68 1.75 -10.54
CA GLY B 131 3.16 0.90 -9.46
C GLY B 131 3.00 -0.55 -9.86
N GLU B 132 3.36 -1.44 -8.95
CA GLU B 132 3.24 -2.86 -9.23
C GLU B 132 1.80 -3.35 -9.13
N SER B 133 1.00 -2.73 -8.27
CA SER B 133 -0.32 -3.24 -7.96
C SER B 133 -1.26 -3.17 -9.17
N VAL B 134 -2.26 -4.05 -9.15
CA VAL B 134 -3.31 -4.07 -10.16
C VAL B 134 -4.66 -4.13 -9.47
N GLU B 135 -4.67 -4.33 -8.15
CA GLU B 135 -5.89 -4.46 -7.37
C GLU B 135 -6.26 -3.20 -6.60
N SER B 136 -5.45 -2.14 -6.71
CA SER B 136 -5.73 -0.89 -6.01
C SER B 136 -5.01 0.25 -6.72
N PHE B 137 -5.59 1.45 -6.62
CA PHE B 137 -4.99 2.65 -7.17
C PHE B 137 -5.27 3.80 -6.22
N GLU B 138 -4.54 4.90 -6.40
CA GLU B 138 -4.68 6.06 -5.54
C GLU B 138 -4.89 7.32 -6.38
N THR B 139 -5.44 8.35 -5.74
CA THR B 139 -5.66 9.64 -6.36
C THR B 139 -5.11 10.74 -5.46
N GLN B 140 -4.63 11.82 -6.08
CA GLN B 140 -4.08 12.96 -5.35
C GLN B 140 -4.41 14.23 -6.11
N PHE B 141 -4.96 15.21 -5.41
CA PHE B 141 -5.38 16.48 -6.01
C PHE B 141 -4.44 17.59 -5.57
N ILE B 142 -3.99 18.38 -6.55
CA ILE B 142 -3.17 19.56 -6.30
C ILE B 142 -3.82 20.74 -6.99
N MET B 143 -4.08 21.82 -6.23
CA MET B 143 -4.72 23.00 -6.78
C MET B 143 -3.65 23.91 -7.38
N SER B 144 -3.81 24.23 -8.67
CA SER B 144 -2.86 25.10 -9.36
C SER B 144 -3.26 26.55 -9.19
N SER B 145 -2.29 27.38 -8.80
CA SER B 145 -2.58 28.80 -8.58
C SER B 145 -2.85 29.51 -9.89
N ARG B 146 -2.03 29.29 -10.89
CA ARG B 146 -2.15 29.88 -12.21
C ARG B 146 -2.89 28.95 -13.15
N PRO B 147 -3.43 29.47 -14.25
CA PRO B 147 -4.07 28.59 -15.24
C PRO B 147 -3.09 27.57 -15.80
N LEU B 148 -3.65 26.50 -16.37
CA LEU B 148 -2.85 25.43 -16.95
C LEU B 148 -2.71 25.54 -18.46
N LEU B 149 -3.51 26.38 -19.11
CA LEU B 149 -3.41 26.58 -20.56
C LEU B 149 -3.64 28.05 -20.91
N GLU C 11 13.29 47.90 3.55
CA GLU C 11 14.27 46.93 4.03
C GLU C 11 15.04 46.29 2.88
N THR C 12 16.13 45.62 3.24
CA THR C 12 16.96 44.88 2.29
C THR C 12 16.63 43.40 2.38
N VAL C 13 16.60 42.73 1.23
CA VAL C 13 16.16 41.35 1.12
C VAL C 13 17.38 40.46 0.91
N THR C 14 17.43 39.36 1.65
CA THR C 14 18.48 38.36 1.45
C THR C 14 18.35 37.72 0.09
N CYS C 15 19.47 37.60 -0.62
CA CYS C 15 19.49 37.05 -1.97
C CYS C 15 20.46 35.88 -2.05
N LEU C 16 20.02 34.78 -2.63
CA LEU C 16 20.86 33.62 -2.88
C LEU C 16 21.17 33.57 -4.37
N GLN C 17 22.41 33.94 -4.73
CA GLN C 17 22.85 33.92 -6.11
C GLN C 17 23.38 32.53 -6.45
N MET C 18 22.99 32.02 -7.62
CA MET C 18 23.32 30.65 -8.02
C MET C 18 23.91 30.67 -9.43
N THR C 19 25.22 30.51 -9.53
CA THR C 19 25.87 30.30 -10.81
C THR C 19 25.76 28.83 -11.20
N ILE C 20 25.40 28.58 -12.45
CA ILE C 20 25.11 27.22 -12.91
C ILE C 20 25.93 26.93 -14.17
N TYR C 21 26.29 25.65 -14.33
CA TYR C 21 26.98 25.17 -15.52
C TYR C 21 26.46 23.78 -15.87
N HIS C 22 26.43 23.49 -17.18
CA HIS C 22 26.09 22.17 -17.65
C HIS C 22 26.78 21.97 -18.99
N PRO C 23 27.25 20.74 -19.30
CA PRO C 23 27.86 20.52 -20.62
C PRO C 23 26.94 20.87 -21.78
N GLY C 24 25.70 20.39 -21.74
CA GLY C 24 24.78 20.62 -22.84
C GLY C 24 23.80 21.75 -22.60
N GLN C 25 24.23 22.79 -21.88
CA GLN C 25 23.40 23.97 -21.69
C GLN C 25 23.11 24.68 -23.01
N GLN C 26 23.96 24.46 -24.02
CA GLN C 26 23.74 25.01 -25.35
C GLN C 26 22.46 24.47 -26.00
N SER C 27 21.91 23.37 -25.48
CA SER C 27 20.74 22.75 -26.08
C SER C 27 19.46 23.50 -25.71
N GLY C 28 19.27 23.79 -24.43
CA GLY C 28 18.06 24.46 -24.00
C GLY C 28 17.55 23.94 -22.68
N ILE C 29 18.47 23.39 -21.87
CA ILE C 29 18.11 22.95 -20.53
C ILE C 29 17.62 24.13 -19.70
N PHE C 30 18.20 25.31 -19.90
CA PHE C 30 17.81 26.51 -19.17
C PHE C 30 16.88 27.41 -19.98
N LYS C 31 15.90 26.82 -20.69
CA LYS C 31 14.93 27.61 -21.42
C LYS C 31 14.12 28.50 -20.49
N SER C 32 13.50 27.90 -19.46
CA SER C 32 12.61 28.61 -18.55
C SER C 32 13.33 29.15 -17.32
N ILE C 33 14.56 29.63 -17.47
CA ILE C 33 15.35 30.17 -16.37
C ILE C 33 15.64 31.63 -16.67
N ARG C 34 15.16 32.52 -15.82
CA ARG C 34 15.47 33.94 -15.95
C ARG C 34 16.81 34.23 -15.30
N PHE C 35 17.77 34.69 -16.10
CA PHE C 35 19.10 35.00 -15.61
C PHE C 35 19.22 36.48 -15.27
N SER C 36 20.05 36.77 -14.26
CA SER C 36 20.39 38.12 -13.83
C SER C 36 19.19 38.91 -13.33
N SER C 37 18.04 38.26 -13.12
CA SER C 37 16.84 38.91 -12.61
C SER C 37 16.54 38.36 -11.22
N LYS C 38 16.47 39.25 -10.24
CA LYS C 38 16.26 38.84 -8.85
C LYS C 38 14.76 38.62 -8.62
N GLU C 39 14.37 37.35 -8.54
CA GLU C 39 12.98 36.99 -8.27
C GLU C 39 12.78 36.83 -6.76
N LYS C 40 11.65 37.33 -6.27
CA LYS C 40 11.35 37.36 -4.85
C LYS C 40 10.34 36.29 -4.49
N PHE C 41 10.56 35.64 -3.35
CA PHE C 41 9.64 34.69 -2.75
C PHE C 41 9.38 35.08 -1.30
N PRO C 42 8.17 34.84 -0.81
CA PRO C 42 7.94 34.95 0.64
C PRO C 42 8.70 33.87 1.37
N SER C 43 9.10 34.18 2.61
CA SER C 43 9.88 33.23 3.40
C SER C 43 9.06 32.00 3.83
N ILE C 44 7.87 31.84 3.27
CA ILE C 44 7.00 30.70 3.57
C ILE C 44 7.02 29.66 2.45
N GLU C 45 7.64 29.97 1.31
CA GLU C 45 7.54 29.14 0.11
C GLU C 45 8.81 28.33 -0.07
N VAL C 46 8.65 27.02 -0.27
CA VAL C 46 9.76 26.12 -0.54
C VAL C 46 10.06 26.18 -2.04
N VAL C 47 11.28 26.60 -2.38
CA VAL C 47 11.69 26.68 -3.78
C VAL C 47 12.13 25.30 -4.24
N LYS C 48 11.64 24.89 -5.41
CA LYS C 48 11.86 23.53 -5.91
C LYS C 48 12.46 23.56 -7.30
N PHE C 49 13.35 22.61 -7.58
CA PHE C 49 13.98 22.45 -8.88
C PHE C 49 13.73 21.05 -9.39
N GLY C 50 13.61 20.92 -10.71
CA GLY C 50 13.43 19.60 -11.30
C GLY C 50 12.98 19.70 -12.75
N ARG C 51 12.32 18.64 -13.21
CA ARG C 51 11.77 18.58 -14.56
C ARG C 51 10.29 18.99 -14.63
N ASN C 52 9.51 18.67 -13.60
CA ASN C 52 8.08 18.96 -13.62
C ASN C 52 7.85 20.46 -13.55
N SER C 53 7.19 21.01 -14.58
CA SER C 53 6.94 22.44 -14.62
C SER C 53 5.86 22.88 -13.65
N ASN C 54 5.03 21.95 -13.18
CA ASN C 54 3.92 22.27 -12.29
C ASN C 54 4.25 22.07 -10.82
N MET C 55 5.36 21.41 -10.51
CA MET C 55 5.79 21.23 -9.13
C MET C 55 7.09 21.94 -8.80
N CYS C 56 7.77 22.52 -9.79
CA CYS C 56 9.04 23.19 -9.58
C CYS C 56 8.97 24.59 -10.16
N GLN C 57 9.37 25.59 -9.35
CA GLN C 57 9.42 26.95 -9.85
C GLN C 57 10.49 27.12 -10.93
N TYR C 58 11.52 26.28 -10.90
CA TYR C 58 12.60 26.32 -11.89
C TYR C 58 12.78 24.93 -12.47
N THR C 59 12.76 24.84 -13.79
CA THR C 59 12.76 23.56 -14.48
C THR C 59 13.88 23.49 -15.51
N PHE C 60 14.22 22.27 -15.88
CA PHE C 60 15.28 21.98 -16.85
C PHE C 60 14.76 20.96 -17.85
N GLN C 61 14.76 21.31 -19.13
CA GLN C 61 14.33 20.39 -20.19
C GLN C 61 15.40 19.31 -20.35
N ASP C 62 15.37 18.34 -19.45
CA ASP C 62 16.33 17.25 -19.44
C ASP C 62 15.62 15.97 -19.00
N LYS C 63 15.81 14.90 -19.76
CA LYS C 63 15.21 13.62 -19.41
C LYS C 63 15.87 13.03 -18.16
N GLN C 64 17.16 13.28 -17.96
CA GLN C 64 17.90 12.73 -16.83
C GLN C 64 17.73 13.56 -15.56
N VAL C 65 16.81 14.51 -15.55
CA VAL C 65 16.47 15.27 -14.35
C VAL C 65 15.17 14.72 -13.79
N SER C 66 15.14 14.43 -12.49
CA SER C 66 13.95 13.90 -11.86
C SER C 66 12.80 14.90 -11.90
N ARG C 67 11.62 14.45 -11.48
CA ARG C 67 10.48 15.35 -11.36
C ARG C 67 10.81 16.52 -10.45
N ILE C 68 11.32 16.22 -9.25
CA ILE C 68 11.82 17.23 -8.32
C ILE C 68 13.20 16.78 -7.89
N GLN C 69 14.23 17.50 -8.34
CA GLN C 69 15.60 17.13 -7.97
C GLN C 69 15.86 17.42 -6.50
N PHE C 70 15.75 18.68 -6.10
CA PHE C 70 15.96 19.07 -4.71
C PHE C 70 15.10 20.29 -4.41
N VAL C 71 15.10 20.69 -3.14
CA VAL C 71 14.33 21.84 -2.69
C VAL C 71 15.20 22.69 -1.76
N LEU C 72 15.03 23.99 -1.86
CA LEU C 72 15.62 24.95 -0.92
C LEU C 72 14.52 25.63 -0.15
N GLN C 73 14.73 25.84 1.15
CA GLN C 73 13.72 26.49 1.96
C GLN C 73 14.41 27.33 3.03
N PRO C 74 13.91 28.53 3.31
CA PRO C 74 14.54 29.38 4.31
C PRO C 74 14.17 28.97 5.73
N PHE C 75 15.07 29.31 6.66
CA PHE C 75 14.84 29.16 8.08
C PHE C 75 15.76 30.12 8.80
N LYS C 76 15.33 30.55 9.99
CA LYS C 76 16.13 31.45 10.80
C LYS C 76 16.88 30.63 11.84
N GLN C 77 18.22 30.72 11.81
CA GLN C 77 19.06 29.95 12.72
C GLN C 77 18.86 30.41 14.15
N PHE C 78 19.24 29.55 15.09
CA PHE C 78 19.31 29.96 16.49
C PHE C 78 20.51 30.88 16.69
N ASN C 79 20.35 31.84 17.60
CA ASN C 79 21.35 32.90 17.82
C ASN C 79 21.61 33.67 16.53
N SER C 80 20.56 33.92 15.76
CA SER C 80 20.71 34.59 14.47
C SER C 80 19.44 35.36 14.13
N SER C 81 19.62 36.46 13.41
CA SER C 81 18.52 37.27 12.91
C SER C 81 18.47 37.31 11.39
N VAL C 82 19.29 36.49 10.72
CA VAL C 82 19.33 36.46 9.26
C VAL C 82 18.81 35.11 8.79
N LEU C 83 18.42 35.07 7.52
CA LEU C 83 17.86 33.84 6.94
C LEU C 83 18.96 32.92 6.45
N SER C 84 18.77 31.63 6.68
CA SER C 84 19.66 30.58 6.19
C SER C 84 18.85 29.62 5.34
N PHE C 85 19.54 28.81 4.55
CA PHE C 85 18.91 27.94 3.57
C PHE C 85 19.28 26.48 3.84
N GLU C 86 18.26 25.62 3.88
CA GLU C 86 18.43 24.18 4.00
C GLU C 86 18.07 23.53 2.67
N ILE C 87 18.90 22.60 2.23
CA ILE C 87 18.64 21.86 1.01
C ILE C 87 18.16 20.47 1.40
N LYS C 88 17.50 19.80 0.46
CA LYS C 88 17.08 18.41 0.64
C LYS C 88 16.93 17.77 -0.73
N ASN C 89 17.69 16.70 -0.95
CA ASN C 89 17.59 15.97 -2.22
C ASN C 89 16.26 15.26 -2.31
N MET C 90 15.49 15.54 -3.36
CA MET C 90 14.20 14.92 -3.59
C MET C 90 14.26 13.81 -4.64
N SER C 91 15.43 13.55 -5.22
CA SER C 91 15.54 12.54 -6.26
C SER C 91 15.62 11.14 -5.66
N LYS C 92 14.88 10.21 -6.27
CA LYS C 92 14.95 8.82 -5.84
C LYS C 92 16.20 8.13 -6.36
N LYS C 93 16.74 8.58 -7.49
CA LYS C 93 17.88 7.92 -8.11
C LYS C 93 19.19 8.68 -7.88
N THR C 94 19.43 9.71 -8.69
CA THR C 94 20.71 10.42 -8.65
C THR C 94 20.87 11.17 -7.33
N SER C 95 21.96 10.89 -6.63
CA SER C 95 22.24 11.54 -5.37
C SER C 95 22.78 12.96 -5.60
N LEU C 96 22.64 13.79 -4.56
CA LEU C 96 22.99 15.20 -4.62
C LEU C 96 24.23 15.47 -3.79
N MET C 97 25.23 16.10 -4.40
CA MET C 97 26.49 16.40 -3.75
C MET C 97 26.53 17.84 -3.31
N VAL C 98 26.76 18.07 -2.02
CA VAL C 98 27.02 19.41 -1.47
C VAL C 98 28.46 19.40 -0.99
N ASP C 99 29.33 20.09 -1.72
CA ASP C 99 30.78 20.04 -1.51
C ASP C 99 31.19 18.57 -1.68
N ASN C 100 31.84 17.95 -0.70
CA ASN C 100 32.15 16.53 -0.76
C ASN C 100 31.19 15.69 0.07
N GLN C 101 30.09 16.29 0.52
CA GLN C 101 29.06 15.58 1.27
C GLN C 101 28.01 15.04 0.31
N GLU C 102 27.72 13.75 0.42
CA GLU C 102 26.74 13.10 -0.45
C GLU C 102 25.40 13.02 0.27
N LEU C 103 24.36 13.52 -0.38
CA LEU C 103 23.01 13.52 0.15
C LEU C 103 22.15 12.58 -0.68
N GLY C 104 21.64 11.53 -0.06
CA GLY C 104 20.75 10.59 -0.71
C GLY C 104 19.33 11.12 -0.77
N TYR C 105 18.39 10.19 -0.99
CA TYR C 105 16.98 10.55 -1.08
C TYR C 105 16.48 11.04 0.27
N LEU C 106 15.97 12.27 0.29
CA LEU C 106 15.37 12.91 1.46
C LEU C 106 16.38 13.22 2.55
N ASN C 107 17.66 13.34 2.21
CA ASN C 107 18.67 13.81 3.15
C ASN C 107 18.78 15.33 3.04
N LYS C 108 18.79 16.00 4.19
CA LYS C 108 18.85 17.45 4.23
C LYS C 108 20.17 17.92 4.82
N MET C 109 20.47 19.21 4.60
CA MET C 109 21.73 19.79 5.05
C MET C 109 21.60 21.31 5.03
N ASP C 110 21.93 21.95 6.15
CA ASP C 110 21.95 23.41 6.19
C ASP C 110 23.14 23.93 5.40
N LEU C 111 22.89 24.92 4.55
CA LEU C 111 23.89 25.35 3.59
C LEU C 111 24.86 26.36 4.22
N PRO C 112 26.12 26.39 3.75
CA PRO C 112 27.00 27.49 4.15
C PRO C 112 26.81 28.68 3.23
N TYR C 113 27.68 29.69 3.36
CA TYR C 113 27.55 30.87 2.52
C TYR C 113 27.99 30.61 1.09
N LYS C 114 28.93 29.68 0.89
CA LYS C 114 29.42 29.36 -0.46
C LYS C 114 29.64 27.86 -0.54
N CYS C 115 28.71 27.15 -1.18
CA CYS C 115 28.82 25.72 -1.41
C CYS C 115 28.70 25.42 -2.90
N MET C 116 28.94 24.16 -3.24
CA MET C 116 28.94 23.70 -4.63
C MET C 116 28.03 22.49 -4.74
N LEU C 117 26.95 22.63 -5.51
CA LEU C 117 26.01 21.53 -5.74
C LEU C 117 26.40 20.77 -7.00
N ARG C 118 26.28 19.44 -6.93
CA ARG C 118 26.54 18.58 -8.08
C ARG C 118 25.50 17.47 -8.11
N PHE C 119 24.84 17.32 -9.25
CA PHE C 119 23.95 16.18 -9.49
C PHE C 119 23.97 15.89 -10.98
N GLY C 120 24.37 14.67 -11.34
CA GLY C 120 24.57 14.37 -12.75
C GLY C 120 25.67 15.22 -13.33
N GLU C 121 25.45 15.72 -14.53
CA GLU C 121 26.40 16.63 -15.18
C GLU C 121 26.21 18.07 -14.73
N TYR C 122 25.29 18.35 -13.81
CA TYR C 122 25.02 19.70 -13.38
C TYR C 122 26.01 20.15 -12.31
N GLN C 123 26.31 21.46 -12.33
CA GLN C 123 27.21 22.06 -11.35
C GLN C 123 26.64 23.41 -10.96
N PHE C 124 26.22 23.54 -9.70
CA PHE C 124 25.63 24.77 -9.17
C PHE C 124 26.58 25.40 -8.16
N LEU C 125 26.71 26.72 -8.22
CA LEU C 125 27.53 27.48 -7.27
C LEU C 125 26.61 28.43 -6.52
N LEU C 126 26.35 28.13 -5.26
CA LEU C 126 25.43 28.89 -4.43
C LEU C 126 26.22 29.86 -3.55
N GLN C 127 25.81 31.13 -3.56
CA GLN C 127 26.46 32.16 -2.75
C GLN C 127 25.37 33.05 -2.15
N LYS C 128 25.19 32.95 -0.83
CA LYS C 128 24.17 33.74 -0.16
C LYS C 128 24.71 35.12 0.20
N GLU C 129 23.87 36.14 0.05
CA GLU C 129 24.20 37.51 0.40
C GLU C 129 23.14 38.00 1.39
N ASP C 130 23.55 38.18 2.65
CA ASP C 130 22.59 38.42 3.72
C ASP C 130 21.86 39.74 3.54
N GLY C 131 20.57 39.74 3.87
CA GLY C 131 19.77 40.93 3.93
C GLY C 131 19.15 41.10 5.30
N GLU C 132 18.32 42.15 5.42
CA GLU C 132 17.66 42.43 6.68
C GLU C 132 16.27 41.80 6.78
N SER C 133 15.57 41.68 5.66
CA SER C 133 14.21 41.15 5.69
C SER C 133 14.23 39.64 5.91
N VAL C 134 13.38 39.17 6.83
CA VAL C 134 13.23 37.76 7.12
C VAL C 134 11.91 37.21 6.63
N GLU C 135 11.02 38.06 6.12
CA GLU C 135 9.73 37.64 5.59
C GLU C 135 9.76 37.38 4.09
N SER C 136 10.88 37.66 3.43
CA SER C 136 11.03 37.39 2.00
C SER C 136 12.50 37.13 1.70
N PHE C 137 12.75 36.51 0.55
CA PHE C 137 14.10 36.25 0.08
C PHE C 137 14.10 36.24 -1.44
N GLU C 138 15.23 36.63 -2.03
CA GLU C 138 15.37 36.70 -3.47
C GLU C 138 16.32 35.62 -3.99
N THR C 139 16.16 35.31 -5.26
CA THR C 139 17.02 34.36 -5.96
C THR C 139 17.59 35.03 -7.20
N GLN C 140 18.74 34.52 -7.66
CA GLN C 140 19.39 35.06 -8.85
C GLN C 140 20.23 33.96 -9.48
N PHE C 141 20.17 33.88 -10.80
CA PHE C 141 20.87 32.85 -11.57
C PHE C 141 21.89 33.49 -12.50
N ILE C 142 23.04 32.84 -12.63
CA ILE C 142 24.06 33.19 -13.62
C ILE C 142 24.50 31.91 -14.30
N MET C 143 24.71 31.99 -15.61
CA MET C 143 25.16 30.83 -16.38
C MET C 143 26.67 30.91 -16.57
N SER C 144 27.37 29.83 -16.20
CA SER C 144 28.81 29.76 -16.35
C SER C 144 29.16 29.08 -17.66
N SER C 145 30.02 29.73 -18.45
CA SER C 145 30.45 29.14 -19.71
C SER C 145 31.44 28.01 -19.49
N ARG C 146 32.29 28.12 -18.46
CA ARG C 146 33.24 27.09 -18.08
C ARG C 146 32.67 26.23 -16.97
N PRO C 147 33.20 25.02 -16.78
CA PRO C 147 32.83 24.24 -15.59
C PRO C 147 33.24 24.97 -14.32
N LEU C 148 32.46 24.74 -13.26
CA LEU C 148 32.74 25.33 -11.97
C LEU C 148 33.73 24.52 -11.13
N LEU C 149 34.07 23.32 -11.56
CA LEU C 149 34.96 22.46 -10.79
C LEU C 149 35.98 21.77 -11.69
N ALA D 7 -2.68 -10.54 -3.84
CA ALA D 7 -1.31 -10.61 -4.33
C ALA D 7 -0.64 -9.25 -4.19
N ASP D 8 -1.23 -8.38 -3.39
CA ASP D 8 -0.72 -7.02 -3.16
C ASP D 8 -0.17 -6.96 -1.75
N GLU D 9 1.16 -6.97 -1.63
CA GLU D 9 1.85 -6.85 -0.35
C GLU D 9 2.65 -5.55 -0.37
N GLU D 10 2.00 -4.47 0.04
CA GLU D 10 2.64 -3.16 0.04
C GLU D 10 3.37 -2.93 1.36
N GLU D 11 4.15 -1.86 1.41
CA GLU D 11 4.99 -1.56 2.55
C GLU D 11 4.16 -0.96 3.69
N THR D 12 4.69 -1.10 4.91
CA THR D 12 4.14 -0.38 6.05
C THR D 12 4.46 1.10 5.94
N VAL D 13 3.70 1.91 6.67
CA VAL D 13 3.78 3.36 6.58
C VAL D 13 4.11 3.94 7.94
N THR D 14 5.12 4.81 7.98
CA THR D 14 5.43 5.57 9.18
C THR D 14 4.27 6.53 9.46
N CYS D 15 3.70 6.46 10.65
CA CYS D 15 2.53 7.24 11.02
C CYS D 15 2.88 8.17 12.18
N LEU D 16 2.69 9.47 11.96
CA LEU D 16 2.81 10.47 13.02
C LEU D 16 1.45 10.60 13.69
N GLN D 17 1.32 10.05 14.90
CA GLN D 17 0.07 10.08 15.64
C GLN D 17 0.10 11.23 16.64
N MET D 18 -0.84 12.15 16.51
CA MET D 18 -0.88 13.37 17.30
C MET D 18 -2.14 13.38 18.17
N THR D 19 -1.97 13.72 19.44
CA THR D 19 -3.08 13.89 20.37
C THR D 19 -3.15 15.37 20.77
N ILE D 20 -4.25 16.01 20.41
CA ILE D 20 -4.38 17.45 20.51
C ILE D 20 -5.26 17.82 21.71
N TYR D 21 -5.00 18.98 22.28
CA TYR D 21 -5.76 19.45 23.44
C TYR D 21 -5.82 20.97 23.43
N HIS D 22 -6.96 21.52 23.85
CA HIS D 22 -7.16 22.95 23.98
C HIS D 22 -8.27 23.23 24.98
N PRO D 23 -8.01 24.03 26.02
CA PRO D 23 -9.05 24.28 27.03
C PRO D 23 -10.22 25.08 26.47
N GLY D 24 -11.07 24.42 25.70
CA GLY D 24 -12.19 25.07 25.04
C GLY D 24 -12.46 24.47 23.68
N GLN D 25 -11.89 23.29 23.45
CA GLN D 25 -12.02 22.60 22.16
C GLN D 25 -13.45 22.16 21.87
N GLN D 26 -14.36 22.24 22.85
CA GLN D 26 -15.73 21.84 22.62
C GLN D 26 -16.49 22.86 21.77
N SER D 27 -16.00 24.08 21.67
CA SER D 27 -16.69 25.13 20.91
C SER D 27 -16.63 24.91 19.40
N GLY D 28 -16.07 23.80 18.93
CA GLY D 28 -15.97 23.55 17.51
C GLY D 28 -14.65 23.96 16.89
N ILE D 29 -13.57 23.94 17.67
CA ILE D 29 -12.26 24.36 17.15
C ILE D 29 -11.76 23.37 16.11
N PHE D 30 -11.76 22.08 16.44
CA PHE D 30 -11.26 21.03 15.55
C PHE D 30 -12.35 20.48 14.64
N LYS D 31 -13.35 21.28 14.27
CA LYS D 31 -14.45 20.79 13.46
C LYS D 31 -14.03 20.37 12.06
N SER D 32 -12.82 20.71 11.64
CA SER D 32 -12.32 20.39 10.30
C SER D 32 -11.33 19.24 10.28
N ILE D 33 -11.03 18.64 11.43
CA ILE D 33 -10.02 17.60 11.55
C ILE D 33 -10.72 16.25 11.69
N ARG D 34 -10.41 15.33 10.78
CA ARG D 34 -10.87 13.95 10.92
C ARG D 34 -10.04 13.22 11.96
N PHE D 35 -10.70 12.43 12.80
CA PHE D 35 -10.05 11.71 13.89
C PHE D 35 -10.08 10.21 13.63
N SER D 36 -9.04 9.52 14.09
CA SER D 36 -8.77 8.10 13.91
C SER D 36 -8.73 7.67 12.44
N SER D 37 -8.76 8.59 11.48
CA SER D 37 -8.56 8.24 10.08
C SER D 37 -7.14 8.60 9.68
N LYS D 38 -6.41 7.62 9.13
CA LYS D 38 -5.03 7.84 8.73
C LYS D 38 -4.99 8.48 7.35
N GLU D 39 -4.54 9.73 7.29
CA GLU D 39 -4.43 10.47 6.03
C GLU D 39 -3.00 10.37 5.52
N LYS D 40 -2.83 9.82 4.32
CA LYS D 40 -1.52 9.54 3.76
C LYS D 40 -1.08 10.67 2.84
N PHE D 41 0.12 11.20 3.10
CA PHE D 41 0.75 12.19 2.24
C PHE D 41 2.01 11.61 1.63
N PRO D 42 2.29 11.89 0.36
CA PRO D 42 3.61 11.57 -0.19
C PRO D 42 4.69 12.34 0.56
N SER D 43 5.86 11.72 0.70
CA SER D 43 6.99 12.37 1.35
C SER D 43 7.48 13.59 0.58
N ILE D 44 7.00 13.79 -0.65
CA ILE D 44 7.25 15.04 -1.36
C ILE D 44 6.52 16.19 -0.66
N GLU D 45 5.39 15.90 -0.03
CA GLU D 45 4.52 16.95 0.50
C GLU D 45 5.04 17.46 1.85
N VAL D 46 4.52 18.63 2.24
CA VAL D 46 4.80 19.25 3.53
C VAL D 46 3.47 19.69 4.12
N VAL D 47 3.13 19.15 5.28
CA VAL D 47 1.84 19.41 5.92
C VAL D 47 1.95 20.66 6.79
N LYS D 48 0.94 21.53 6.68
CA LYS D 48 0.92 22.81 7.37
C LYS D 48 -0.30 22.90 8.28
N PHE D 49 -0.15 23.66 9.37
CA PHE D 49 -1.20 23.85 10.36
C PHE D 49 -1.41 25.35 10.56
N GLY D 50 -2.67 25.78 10.61
CA GLY D 50 -2.97 27.17 10.82
C GLY D 50 -4.45 27.50 10.82
N ARG D 51 -4.79 28.69 10.31
CA ARG D 51 -6.18 29.11 10.21
C ARG D 51 -6.70 29.14 8.78
N ASN D 52 -5.85 29.45 7.81
CA ASN D 52 -6.26 29.57 6.42
C ASN D 52 -6.41 28.18 5.80
N SER D 53 -7.63 27.83 5.40
CA SER D 53 -7.90 26.53 4.79
C SER D 53 -7.34 26.41 3.38
N ASN D 54 -6.92 27.52 2.76
CA ASN D 54 -6.30 27.49 1.45
C ASN D 54 -4.78 27.54 1.53
N MET D 55 -4.22 27.38 2.74
CA MET D 55 -2.79 27.35 2.94
C MET D 55 -2.34 26.14 3.74
N CYS D 56 -3.25 25.53 4.51
CA CYS D 56 -2.92 24.42 5.39
C CYS D 56 -3.87 23.26 5.12
N GLN D 57 -3.42 22.06 5.50
CA GLN D 57 -4.24 20.87 5.41
C GLN D 57 -5.10 20.67 6.64
N TYR D 58 -4.69 21.21 7.79
CA TYR D 58 -5.46 21.11 9.03
C TYR D 58 -5.58 22.50 9.62
N THR D 59 -6.83 22.95 9.83
CA THR D 59 -7.10 24.30 10.28
C THR D 59 -8.12 24.27 11.41
N PHE D 60 -8.33 25.43 12.03
CA PHE D 60 -9.26 25.59 13.13
C PHE D 60 -10.00 26.92 12.98
N GLN D 61 -11.07 27.08 13.75
CA GLN D 61 -11.72 28.38 13.90
C GLN D 61 -11.10 29.03 15.13
N ASP D 62 -9.97 29.71 14.91
CA ASP D 62 -9.26 30.39 16.00
C ASP D 62 -8.42 31.49 15.40
N LYS D 63 -8.73 32.74 15.73
CA LYS D 63 -7.99 33.89 15.23
C LYS D 63 -6.67 34.11 15.99
N GLN D 64 -6.49 33.44 17.13
CA GLN D 64 -5.21 33.47 17.80
C GLN D 64 -4.16 32.65 17.06
N VAL D 65 -4.59 31.60 16.37
CA VAL D 65 -3.69 30.82 15.53
C VAL D 65 -3.38 31.62 14.28
N SER D 66 -2.09 31.71 13.94
CA SER D 66 -1.65 32.51 12.81
C SER D 66 -2.16 31.92 11.49
N ARG D 67 -1.86 32.62 10.40
CA ARG D 67 -2.23 32.15 9.08
C ARG D 67 -1.66 30.76 8.82
N ILE D 68 -0.36 30.61 9.02
CA ILE D 68 0.30 29.30 9.05
C ILE D 68 1.06 29.24 10.37
N GLN D 69 0.64 28.36 11.27
CA GLN D 69 1.27 28.31 12.58
C GLN D 69 2.63 27.63 12.51
N PHE D 70 2.66 26.41 11.97
CA PHE D 70 3.91 25.66 11.85
C PHE D 70 3.77 24.67 10.71
N VAL D 71 4.90 24.10 10.29
CA VAL D 71 4.94 23.13 9.21
C VAL D 71 5.68 21.89 9.69
N LEU D 72 5.16 20.72 9.32
CA LEU D 72 5.80 19.44 9.55
C LEU D 72 6.28 18.88 8.22
N GLN D 73 7.48 18.31 8.21
CA GLN D 73 8.11 17.94 6.94
C GLN D 73 8.95 16.68 7.11
N PRO D 74 8.83 15.72 6.19
CA PRO D 74 9.60 14.48 6.34
C PRO D 74 11.00 14.57 5.75
N PHE D 75 11.89 13.79 6.37
CA PHE D 75 13.27 13.63 5.92
C PHE D 75 13.80 12.35 6.54
N LYS D 76 15.03 11.99 6.20
CA LYS D 76 15.69 10.85 6.83
C LYS D 76 17.14 11.19 7.07
N GLN D 77 17.58 11.00 8.32
CA GLN D 77 18.98 11.26 8.67
C GLN D 77 19.89 10.27 7.95
N PHE D 78 21.16 10.63 7.86
CA PHE D 78 22.15 9.78 7.19
C PHE D 78 22.22 8.42 7.87
N ASN D 79 22.44 7.38 7.07
CA ASN D 79 22.56 6.00 7.55
C ASN D 79 21.28 5.54 8.25
N SER D 80 20.13 5.92 7.70
CA SER D 80 18.83 5.52 8.24
C SER D 80 17.93 5.07 7.10
N SER D 81 17.02 4.16 7.43
CA SER D 81 16.03 3.64 6.48
C SER D 81 14.61 3.95 6.95
N VAL D 82 14.45 5.02 7.72
CA VAL D 82 13.18 5.38 8.33
C VAL D 82 13.00 6.89 8.26
N LEU D 83 11.78 7.33 7.95
CA LEU D 83 11.48 8.75 7.86
C LEU D 83 11.51 9.40 9.24
N SER D 84 12.12 10.57 9.31
CA SER D 84 12.04 11.45 10.47
C SER D 84 11.37 12.75 10.03
N PHE D 85 10.98 13.57 11.02
CA PHE D 85 10.23 14.78 10.75
C PHE D 85 10.95 16.01 11.29
N GLU D 86 10.86 17.11 10.56
CA GLU D 86 11.38 18.40 10.97
C GLU D 86 10.23 19.39 11.09
N ILE D 87 10.14 20.06 12.23
CA ILE D 87 9.12 21.07 12.45
C ILE D 87 9.75 22.44 12.29
N LYS D 88 8.94 23.42 11.94
CA LYS D 88 9.39 24.80 11.78
C LYS D 88 8.24 25.74 12.10
N ASN D 89 8.51 26.76 12.90
CA ASN D 89 7.49 27.72 13.29
C ASN D 89 7.32 28.76 12.18
N MET D 90 6.08 28.90 11.71
CA MET D 90 5.76 29.86 10.66
C MET D 90 5.03 31.10 11.17
N SER D 91 4.85 31.22 12.48
CA SER D 91 4.09 32.33 13.06
C SER D 91 5.03 33.45 13.49
N LYS D 92 4.67 34.68 13.11
CA LYS D 92 5.42 35.84 13.58
C LYS D 92 5.03 36.17 15.02
N LYS D 93 3.73 36.16 15.32
CA LYS D 93 3.25 36.50 16.65
C LYS D 93 3.57 35.40 17.66
N THR D 94 2.84 34.30 17.61
CA THR D 94 2.97 33.27 18.62
C THR D 94 4.25 32.45 18.41
N SER D 95 4.85 32.02 19.52
CA SER D 95 6.07 31.22 19.46
C SER D 95 5.72 29.76 19.19
N LEU D 96 6.69 28.87 19.42
CA LEU D 96 6.47 27.44 19.26
C LEU D 96 7.50 26.71 20.11
N MET D 97 7.04 25.90 21.05
CA MET D 97 7.91 25.26 22.03
C MET D 97 7.80 23.75 21.93
N VAL D 98 8.83 23.12 21.36
CA VAL D 98 8.97 21.67 21.37
C VAL D 98 9.63 21.29 22.70
N ASP D 99 8.85 20.70 23.61
CA ASP D 99 9.31 20.37 24.95
C ASP D 99 9.86 21.58 25.67
N ASN D 100 11.19 21.61 25.87
CA ASN D 100 11.82 22.74 26.54
C ASN D 100 12.14 23.87 25.57
N GLN D 101 12.66 23.53 24.40
CA GLN D 101 13.16 24.54 23.47
C GLN D 101 12.03 25.46 22.99
N GLU D 102 12.41 26.69 22.66
CA GLU D 102 11.48 27.69 22.16
C GLU D 102 11.90 28.07 20.74
N LEU D 103 11.01 27.87 19.78
CA LEU D 103 11.30 28.12 18.38
C LEU D 103 10.63 29.41 17.94
N GLY D 104 11.44 30.41 17.59
CA GLY D 104 10.93 31.67 17.08
C GLY D 104 10.45 31.54 15.65
N TYR D 105 10.23 32.70 15.03
CA TYR D 105 9.78 32.72 13.65
C TYR D 105 10.84 32.11 12.73
N LEU D 106 10.44 31.09 11.98
CA LEU D 106 11.29 30.34 11.07
C LEU D 106 12.40 29.56 11.78
N ASN D 107 12.22 29.25 13.06
CA ASN D 107 13.10 28.32 13.74
C ASN D 107 12.66 26.89 13.49
N LYS D 108 13.62 26.00 13.28
CA LYS D 108 13.32 24.61 12.96
C LYS D 108 13.94 23.68 14.00
N MET D 109 13.53 22.42 13.94
CA MET D 109 14.04 21.41 14.87
C MET D 109 13.72 20.03 14.34
N ASP D 110 14.72 19.15 14.34
CA ASP D 110 14.48 17.74 14.06
C ASP D 110 13.70 17.11 15.20
N LEU D 111 12.60 16.44 14.86
CA LEU D 111 11.73 15.94 15.92
C LEU D 111 12.20 14.57 16.40
N PRO D 112 11.98 14.26 17.68
CA PRO D 112 12.30 12.92 18.18
C PRO D 112 11.12 11.97 18.02
N TYR D 113 11.24 10.77 18.60
CA TYR D 113 10.17 9.78 18.47
C TYR D 113 8.96 10.13 19.31
N LYS D 114 9.13 10.96 20.35
CA LYS D 114 8.01 11.37 21.20
C LYS D 114 8.36 12.69 21.84
N CYS D 115 7.58 13.73 21.53
CA CYS D 115 7.82 15.07 22.04
C CYS D 115 6.50 15.75 22.30
N MET D 116 6.58 16.94 22.89
CA MET D 116 5.41 17.73 23.27
C MET D 116 5.42 19.05 22.51
N LEU D 117 4.32 19.34 21.82
CA LEU D 117 4.16 20.61 21.10
C LEU D 117 3.32 21.55 21.96
N ARG D 118 3.87 22.73 22.26
CA ARG D 118 3.18 23.74 23.03
C ARG D 118 3.25 25.06 22.28
N PHE D 119 2.09 25.55 21.84
CA PHE D 119 2.02 26.86 21.20
C PHE D 119 0.69 27.50 21.57
N GLY D 120 0.72 28.81 21.84
CA GLY D 120 -0.46 29.51 22.30
C GLY D 120 -1.03 28.90 23.56
N GLU D 121 -2.18 28.25 23.43
CA GLU D 121 -2.75 27.44 24.50
C GLU D 121 -3.15 26.06 23.99
N TYR D 122 -2.49 25.61 22.93
CA TYR D 122 -2.69 24.28 22.38
C TYR D 122 -1.64 23.32 22.94
N GLN D 123 -1.99 22.03 22.95
CA GLN D 123 -1.09 20.99 23.45
C GLN D 123 -1.21 19.78 22.53
N PHE D 124 -0.17 19.55 21.71
CA PHE D 124 -0.11 18.40 20.83
C PHE D 124 0.95 17.43 21.36
N LEU D 125 0.66 16.13 21.27
CA LEU D 125 1.59 15.08 21.68
C LEU D 125 1.90 14.23 20.45
N LEU D 126 3.09 14.42 19.90
CA LEU D 126 3.49 13.72 18.68
C LEU D 126 4.19 12.42 19.04
N GLN D 127 3.70 11.31 18.47
CA GLN D 127 4.29 9.99 18.66
C GLN D 127 4.50 9.35 17.29
N LYS D 128 5.74 8.94 17.00
CA LYS D 128 6.09 8.40 15.70
C LYS D 128 6.10 6.87 15.77
N GLU D 129 5.40 6.23 14.85
CA GLU D 129 5.36 4.78 14.73
C GLU D 129 5.90 4.43 13.34
N ASP D 130 7.13 3.92 13.30
CA ASP D 130 7.84 3.77 12.04
C ASP D 130 7.21 2.71 11.14
N GLY D 131 7.26 2.98 9.84
CA GLY D 131 7.02 1.99 8.82
C GLY D 131 8.25 1.87 7.94
N GLU D 132 8.17 0.93 6.99
CA GLU D 132 9.31 0.68 6.10
C GLU D 132 9.27 1.54 4.84
N SER D 133 8.17 2.24 4.58
CA SER D 133 8.07 3.09 3.40
C SER D 133 8.78 4.41 3.62
N VAL D 134 9.29 4.96 2.52
CA VAL D 134 9.92 6.28 2.51
C VAL D 134 9.34 7.17 1.42
N GLU D 135 8.36 6.67 0.66
CA GLU D 135 7.67 7.44 -0.36
C GLU D 135 6.38 8.06 0.14
N SER D 136 5.87 7.63 1.29
CA SER D 136 4.65 8.21 1.84
C SER D 136 4.64 8.02 3.35
N PHE D 137 3.95 8.93 4.04
CA PHE D 137 3.74 8.84 5.47
C PHE D 137 2.28 9.15 5.77
N GLU D 138 1.89 8.99 7.03
CA GLU D 138 0.51 9.17 7.43
C GLU D 138 0.43 9.99 8.72
N THR D 139 -0.75 10.56 8.95
CA THR D 139 -1.06 11.29 10.16
C THR D 139 -2.38 10.78 10.73
N GLN D 140 -2.48 10.78 12.06
CA GLN D 140 -3.71 10.37 12.74
C GLN D 140 -3.91 11.26 13.94
N PHE D 141 -5.13 11.76 14.11
CA PHE D 141 -5.48 12.69 15.18
C PHE D 141 -6.37 12.00 16.19
N ILE D 142 -6.02 12.14 17.47
CA ILE D 142 -6.82 11.63 18.58
C ILE D 142 -7.11 12.81 19.49
N MET D 143 -8.39 13.03 19.79
CA MET D 143 -8.84 14.21 20.54
C MET D 143 -8.95 13.86 22.01
N SER D 144 -8.03 14.39 22.81
CA SER D 144 -8.07 14.21 24.26
C SER D 144 -8.84 15.35 24.91
N SER D 145 -9.71 14.99 25.85
CA SER D 145 -10.39 15.97 26.69
C SER D 145 -9.63 16.25 27.99
N ARG D 146 -8.61 15.43 28.31
CA ARG D 146 -7.79 15.60 29.51
C ARG D 146 -6.58 16.47 29.19
N PRO D 147 -6.20 17.39 30.07
CA PRO D 147 -5.01 18.23 29.78
C PRO D 147 -3.74 17.40 29.84
N LEU D 148 -2.90 17.57 28.81
CA LEU D 148 -1.62 16.87 28.75
C LEU D 148 -0.67 17.38 29.82
N ALA E 7 36.52 -31.96 31.04
CA ALA E 7 35.99 -30.84 30.26
C ALA E 7 34.57 -31.14 29.79
N ASP E 8 34.08 -30.34 28.83
CA ASP E 8 32.72 -30.48 28.31
C ASP E 8 32.76 -31.24 26.99
N GLU E 9 32.22 -32.46 27.01
CA GLU E 9 31.85 -33.14 25.78
C GLU E 9 30.47 -32.66 25.36
N GLU E 10 30.32 -32.28 24.09
CA GLU E 10 29.11 -31.64 23.62
C GLU E 10 28.58 -32.37 22.39
N GLU E 11 27.27 -32.22 22.16
CA GLU E 11 26.60 -32.98 21.13
C GLU E 11 26.95 -32.46 19.73
N THR E 12 26.88 -33.36 18.77
CA THR E 12 26.90 -32.97 17.36
C THR E 12 25.54 -32.40 16.98
N VAL E 13 25.54 -31.53 15.98
CA VAL E 13 24.36 -30.75 15.62
C VAL E 13 24.08 -30.94 14.14
N THR E 14 22.83 -31.26 13.81
CA THR E 14 22.39 -31.32 12.43
C THR E 14 22.53 -29.96 11.75
N CYS E 15 23.21 -29.93 10.60
CA CYS E 15 23.48 -28.71 9.87
C CYS E 15 22.86 -28.79 8.48
N LEU E 16 22.06 -27.78 8.13
CA LEU E 16 21.48 -27.68 6.79
C LEU E 16 22.45 -26.88 5.92
N GLN E 17 23.13 -27.56 5.02
CA GLN E 17 24.15 -26.94 4.17
C GLN E 17 23.50 -26.49 2.86
N MET E 18 23.33 -25.18 2.71
CA MET E 18 22.69 -24.60 1.54
C MET E 18 23.73 -24.00 0.61
N THR E 19 23.59 -24.29 -0.68
CA THR E 19 24.43 -23.72 -1.73
C THR E 19 23.55 -22.86 -2.63
N ILE E 20 23.95 -21.61 -2.82
CA ILE E 20 23.11 -20.63 -3.49
C ILE E 20 23.80 -20.14 -4.76
N TYR E 21 22.98 -19.60 -5.67
CA TYR E 21 23.46 -19.01 -6.91
C TYR E 21 22.45 -17.94 -7.36
N HIS E 22 22.98 -16.86 -7.92
CA HIS E 22 22.14 -15.83 -8.52
C HIS E 22 22.95 -15.20 -9.65
N PRO E 23 22.33 -14.91 -10.79
CA PRO E 23 23.08 -14.30 -11.90
C PRO E 23 23.70 -12.96 -11.55
N GLY E 24 23.14 -12.24 -10.59
CA GLY E 24 23.70 -10.98 -10.15
C GLY E 24 24.27 -11.06 -8.74
N GLN E 25 24.94 -12.17 -8.42
CA GLN E 25 25.51 -12.32 -7.08
C GLN E 25 26.74 -11.44 -6.88
N GLN E 26 27.35 -10.94 -7.96
CA GLN E 26 28.44 -9.99 -7.84
C GLN E 26 27.94 -8.57 -7.59
N SER E 27 26.66 -8.31 -7.77
CA SER E 27 26.07 -7.00 -7.48
C SER E 27 25.64 -6.87 -6.02
N GLY E 28 25.96 -7.85 -5.18
CA GLY E 28 25.71 -7.73 -3.76
C GLY E 28 24.34 -8.19 -3.30
N ILE E 29 23.73 -9.16 -3.99
CA ILE E 29 22.49 -9.73 -3.49
C ILE E 29 22.73 -10.46 -2.18
N PHE E 30 23.83 -11.20 -2.10
CA PHE E 30 24.21 -11.94 -0.90
C PHE E 30 25.12 -11.14 0.03
N LYS E 31 24.97 -9.81 0.04
CA LYS E 31 25.86 -8.96 0.83
C LYS E 31 25.70 -9.19 2.33
N SER E 32 24.50 -9.62 2.76
CA SER E 32 24.17 -9.69 4.19
C SER E 32 24.03 -11.13 4.67
N ILE E 33 24.81 -12.05 4.12
CA ILE E 33 24.85 -13.43 4.60
C ILE E 33 26.29 -13.88 4.63
N ARG E 34 26.73 -14.41 5.78
CA ARG E 34 28.11 -14.84 5.94
C ARG E 34 28.24 -16.28 5.44
N PHE E 35 29.28 -16.53 4.66
CA PHE E 35 29.50 -17.84 4.03
C PHE E 35 30.52 -18.66 4.80
N SER E 36 30.40 -19.98 4.68
CA SER E 36 31.26 -20.93 5.37
C SER E 36 31.33 -20.61 6.86
N SER E 37 30.17 -20.42 7.47
CA SER E 37 30.07 -20.09 8.88
C SER E 37 28.76 -20.65 9.43
N LYS E 38 28.87 -21.58 10.37
CA LYS E 38 27.69 -22.20 10.94
C LYS E 38 27.02 -21.27 11.95
N GLU E 39 25.69 -21.21 11.89
CA GLU E 39 24.89 -20.36 12.77
C GLU E 39 23.88 -21.24 13.51
N LYS E 40 23.94 -21.23 14.83
CA LYS E 40 23.11 -22.10 15.66
C LYS E 40 21.78 -21.40 15.98
N PHE E 41 20.68 -22.07 15.64
CA PHE E 41 19.35 -21.67 16.08
C PHE E 41 18.76 -22.77 16.96
N PRO E 42 18.14 -22.42 18.08
CA PRO E 42 17.38 -23.43 18.83
C PRO E 42 16.25 -23.99 17.99
N SER E 43 15.84 -25.22 18.33
CA SER E 43 14.75 -25.86 17.61
C SER E 43 13.42 -25.13 17.78
N ILE E 44 13.33 -24.20 18.74
CA ILE E 44 12.13 -23.39 18.89
C ILE E 44 11.99 -22.36 17.78
N GLU E 45 13.10 -22.02 17.11
CA GLU E 45 13.13 -20.88 16.22
C GLU E 45 12.83 -21.29 14.78
N VAL E 46 12.01 -20.47 14.11
CA VAL E 46 11.81 -20.59 12.68
C VAL E 46 12.87 -19.76 11.96
N VAL E 47 13.32 -20.26 10.81
CA VAL E 47 14.32 -19.58 10.00
C VAL E 47 13.61 -18.99 8.77
N LYS E 48 13.79 -17.69 8.55
CA LYS E 48 13.05 -16.97 7.53
C LYS E 48 14.01 -16.35 6.51
N PHE E 49 13.59 -16.37 5.25
CA PHE E 49 14.28 -15.70 4.15
C PHE E 49 13.33 -14.66 3.56
N GLY E 50 13.86 -13.47 3.29
CA GLY E 50 13.02 -12.44 2.72
C GLY E 50 13.77 -11.12 2.59
N ARG E 51 12.99 -10.07 2.31
CA ARG E 51 13.55 -8.75 2.08
C ARG E 51 13.72 -7.95 3.37
N ASN E 52 12.84 -8.16 4.34
CA ASN E 52 12.82 -7.36 5.56
C ASN E 52 13.87 -7.91 6.53
N SER E 53 14.91 -7.13 6.79
CA SER E 53 15.95 -7.55 7.72
C SER E 53 15.42 -7.65 9.14
N ASN E 54 14.40 -6.85 9.48
CA ASN E 54 13.81 -6.96 10.81
C ASN E 54 13.02 -8.25 10.98
N MET E 55 12.50 -8.79 9.88
CA MET E 55 11.65 -9.97 9.95
C MET E 55 12.38 -11.28 9.66
N CYS E 56 13.53 -11.23 8.99
CA CYS E 56 14.21 -12.44 8.55
C CYS E 56 15.65 -12.43 9.05
N GLN E 57 16.11 -13.60 9.51
CA GLN E 57 17.51 -13.75 9.86
C GLN E 57 18.39 -13.66 8.62
N TYR E 58 17.96 -14.25 7.52
CA TYR E 58 18.67 -14.21 6.25
C TYR E 58 17.88 -13.35 5.27
N THR E 59 18.50 -12.28 4.79
CA THR E 59 17.80 -11.29 4.00
C THR E 59 18.61 -10.95 2.75
N PHE E 60 17.88 -10.68 1.66
CA PHE E 60 18.47 -10.31 0.38
C PHE E 60 18.15 -8.86 0.06
N GLN E 61 19.06 -8.21 -0.66
CA GLN E 61 18.88 -6.82 -1.08
C GLN E 61 18.34 -6.82 -2.51
N ASP E 62 17.03 -6.99 -2.61
CA ASP E 62 16.35 -7.06 -3.91
C ASP E 62 14.87 -6.76 -3.71
N LYS E 63 14.34 -5.85 -4.52
CA LYS E 63 12.91 -5.55 -4.47
C LYS E 63 12.06 -6.66 -5.08
N GLN E 64 12.65 -7.57 -5.84
CA GLN E 64 11.92 -8.71 -6.36
C GLN E 64 11.59 -9.73 -5.28
N VAL E 65 12.35 -9.73 -4.18
CA VAL E 65 12.10 -10.66 -3.09
C VAL E 65 10.99 -10.11 -2.20
N SER E 66 10.04 -10.97 -1.87
CA SER E 66 8.93 -10.57 -1.01
C SER E 66 9.43 -10.25 0.39
N ARG E 67 8.52 -9.70 1.20
CA ARG E 67 8.83 -9.37 2.59
C ARG E 67 9.40 -10.59 3.31
N ILE E 68 8.67 -11.70 3.27
CA ILE E 68 9.19 -13.00 3.71
C ILE E 68 8.98 -13.98 2.56
N GLN E 69 10.05 -14.57 2.08
CA GLN E 69 9.95 -15.48 0.94
C GLN E 69 9.46 -16.86 1.38
N PHE E 70 10.23 -17.53 2.23
CA PHE E 70 9.86 -18.84 2.72
C PHE E 70 10.43 -19.03 4.12
N VAL E 71 9.83 -19.97 4.86
CA VAL E 71 10.24 -20.27 6.22
C VAL E 71 10.69 -21.72 6.29
N LEU E 72 11.70 -21.99 7.11
CA LEU E 72 12.18 -23.34 7.37
C LEU E 72 11.93 -23.66 8.83
N GLN E 73 11.32 -24.81 9.09
CA GLN E 73 10.91 -25.17 10.44
C GLN E 73 11.49 -26.54 10.81
N PRO E 74 12.16 -26.65 11.94
CA PRO E 74 12.67 -27.97 12.36
C PRO E 74 11.59 -28.81 13.03
N PHE E 75 11.61 -30.10 12.72
CA PHE E 75 10.68 -31.04 13.33
C PHE E 75 11.28 -32.43 13.29
N LYS E 76 10.81 -33.28 14.20
CA LYS E 76 11.16 -34.69 14.20
C LYS E 76 9.96 -35.49 13.71
N GLN E 77 10.19 -36.36 12.73
CA GLN E 77 9.14 -37.25 12.29
C GLN E 77 8.82 -38.26 13.40
N PHE E 78 7.74 -39.01 13.20
CA PHE E 78 7.29 -39.94 14.22
C PHE E 78 8.29 -41.07 14.40
N ASN E 79 8.63 -41.35 15.65
CA ASN E 79 9.59 -42.40 16.02
C ASN E 79 10.94 -42.18 15.33
N SER E 80 11.33 -40.92 15.19
CA SER E 80 12.61 -40.55 14.61
C SER E 80 13.46 -39.86 15.67
N SER E 81 14.78 -40.00 15.53
CA SER E 81 15.73 -39.41 16.47
C SER E 81 16.54 -38.27 15.86
N VAL E 82 16.16 -37.81 14.68
CA VAL E 82 16.92 -36.77 13.98
C VAL E 82 15.97 -35.71 13.45
N LEU E 83 16.46 -34.47 13.42
CA LEU E 83 15.63 -33.35 12.97
C LEU E 83 15.43 -33.38 11.46
N SER E 84 14.23 -33.01 11.04
CA SER E 84 13.90 -32.77 9.65
C SER E 84 13.38 -31.35 9.51
N PHE E 85 13.25 -30.89 8.27
CA PHE E 85 12.86 -29.52 8.00
C PHE E 85 11.61 -29.46 7.14
N GLU E 86 10.78 -28.45 7.39
CA GLU E 86 9.51 -28.26 6.70
C GLU E 86 9.54 -26.88 6.04
N ILE E 87 9.57 -26.87 4.72
CA ILE E 87 9.54 -25.62 3.96
C ILE E 87 8.09 -25.14 3.83
N LYS E 88 7.91 -23.83 3.78
CA LYS E 88 6.61 -23.25 3.50
C LYS E 88 6.79 -21.90 2.83
N ASN E 89 6.12 -21.70 1.69
CA ASN E 89 6.21 -20.45 0.97
C ASN E 89 5.38 -19.38 1.66
N MET E 90 5.95 -18.19 1.81
CA MET E 90 5.27 -17.06 2.42
C MET E 90 5.00 -15.94 1.43
N SER E 91 5.34 -16.13 0.16
CA SER E 91 5.20 -15.08 -0.84
C SER E 91 3.86 -15.24 -1.57
N LYS E 92 3.11 -14.14 -1.66
CA LYS E 92 1.92 -14.13 -2.50
C LYS E 92 2.29 -13.99 -3.97
N LYS E 93 3.22 -13.08 -4.27
CA LYS E 93 3.61 -12.79 -5.64
C LYS E 93 4.39 -13.95 -6.25
N THR E 94 5.67 -14.07 -5.89
CA THR E 94 6.51 -15.12 -6.45
C THR E 94 6.13 -16.48 -5.88
N SER E 95 6.22 -17.51 -6.72
CA SER E 95 5.93 -18.87 -6.32
C SER E 95 7.22 -19.62 -6.03
N LEU E 96 7.20 -20.47 -5.01
CA LEU E 96 8.33 -21.28 -4.62
C LEU E 96 8.18 -22.68 -5.20
N MET E 97 9.31 -23.31 -5.49
CA MET E 97 9.32 -24.65 -6.07
C MET E 97 10.41 -25.50 -5.44
N VAL E 98 10.06 -26.70 -5.01
CA VAL E 98 11.00 -27.69 -4.50
C VAL E 98 11.12 -28.78 -5.55
N ASP E 99 12.33 -28.99 -6.06
CA ASP E 99 12.60 -29.95 -7.12
C ASP E 99 11.67 -29.74 -8.31
N ASN E 100 10.64 -30.57 -8.43
CA ASN E 100 9.62 -30.42 -9.46
C ASN E 100 8.25 -30.08 -8.90
N GLN E 101 8.09 -30.04 -7.58
CA GLN E 101 6.81 -29.73 -6.95
C GLN E 101 6.72 -28.22 -6.74
N GLU E 102 5.67 -27.61 -7.28
CA GLU E 102 5.46 -26.18 -7.10
C GLU E 102 4.77 -25.92 -5.76
N LEU E 103 5.27 -24.94 -5.03
CA LEU E 103 4.70 -24.54 -3.74
C LEU E 103 4.13 -23.15 -3.87
N GLY E 104 2.81 -23.06 -4.00
CA GLY E 104 2.16 -21.78 -4.02
C GLY E 104 2.21 -21.09 -2.69
N TYR E 105 1.49 -19.97 -2.61
CA TYR E 105 1.42 -19.22 -1.36
C TYR E 105 0.86 -20.08 -0.23
N LEU E 106 1.54 -20.06 0.92
CA LEU E 106 1.19 -20.81 2.13
C LEU E 106 1.24 -22.32 1.93
N ASN E 107 1.84 -22.81 0.85
CA ASN E 107 2.01 -24.25 0.69
C ASN E 107 3.26 -24.72 1.41
N LYS E 108 3.17 -25.86 2.07
CA LYS E 108 4.28 -26.42 2.82
C LYS E 108 4.62 -27.81 2.28
N MET E 109 5.80 -28.30 2.69
CA MET E 109 6.31 -29.57 2.19
C MET E 109 7.44 -30.04 3.08
N ASP E 110 7.31 -31.24 3.65
CA ASP E 110 8.39 -31.82 4.42
C ASP E 110 9.58 -32.12 3.51
N LEU E 111 10.76 -31.70 3.93
CA LEU E 111 11.90 -31.72 3.03
C LEU E 111 12.64 -33.05 3.07
N PRO E 112 13.25 -33.44 1.95
CA PRO E 112 14.13 -34.61 1.96
C PRO E 112 15.55 -34.23 2.37
N TYR E 113 16.48 -35.18 2.25
CA TYR E 113 17.87 -34.93 2.61
C TYR E 113 18.63 -34.11 1.57
N LYS E 114 18.07 -33.96 0.36
CA LYS E 114 18.83 -33.35 -0.73
C LYS E 114 17.82 -32.84 -1.76
N CYS E 115 17.44 -31.56 -1.63
CA CYS E 115 16.48 -30.93 -2.51
C CYS E 115 17.02 -29.59 -2.98
N MET E 116 16.48 -29.10 -4.10
CA MET E 116 16.89 -27.85 -4.70
C MET E 116 15.71 -26.89 -4.73
N LEU E 117 15.93 -25.66 -4.29
CA LEU E 117 14.89 -24.63 -4.25
C LEU E 117 15.13 -23.61 -5.36
N ARG E 118 14.02 -23.10 -5.90
CA ARG E 118 14.05 -22.14 -6.99
C ARG E 118 12.92 -21.14 -6.82
N PHE E 119 13.25 -19.85 -6.83
CA PHE E 119 12.26 -18.79 -6.79
C PHE E 119 12.85 -17.58 -7.51
N GLY E 120 12.23 -17.19 -8.61
CA GLY E 120 12.80 -16.13 -9.43
C GLY E 120 14.14 -16.55 -9.99
N GLU E 121 15.06 -15.59 -10.06
CA GLU E 121 16.40 -15.86 -10.55
C GLU E 121 17.26 -16.64 -9.56
N TYR E 122 16.73 -16.97 -8.39
CA TYR E 122 17.51 -17.64 -7.36
C TYR E 122 17.47 -19.16 -7.53
N GLN E 123 18.55 -19.80 -7.13
CA GLN E 123 18.68 -21.26 -7.19
C GLN E 123 19.41 -21.73 -5.93
N PHE E 124 18.69 -22.38 -5.02
CA PHE E 124 19.26 -22.90 -3.79
C PHE E 124 19.44 -24.41 -3.90
N LEU E 125 20.50 -24.91 -3.28
CA LEU E 125 20.75 -26.36 -3.19
C LEU E 125 20.87 -26.72 -1.72
N LEU E 126 19.81 -27.28 -1.16
CA LEU E 126 19.85 -27.75 0.22
C LEU E 126 20.48 -29.14 0.29
N GLN E 127 21.04 -29.44 1.46
CA GLN E 127 21.74 -30.70 1.68
C GLN E 127 21.97 -30.89 3.18
N LYS E 128 21.17 -31.75 3.81
CA LYS E 128 21.17 -31.87 5.25
C LYS E 128 22.19 -32.90 5.71
N GLU E 129 22.99 -32.52 6.72
CA GLU E 129 23.91 -33.42 7.39
C GLU E 129 23.41 -33.63 8.82
N ASP E 130 23.13 -34.88 9.16
CA ASP E 130 22.46 -35.17 10.42
C ASP E 130 23.38 -34.95 11.61
N GLY E 131 22.75 -34.75 12.78
CA GLY E 131 23.46 -34.57 14.03
C GLY E 131 22.68 -35.17 15.18
N GLU E 132 23.37 -35.29 16.32
CA GLU E 132 22.77 -35.96 17.46
C GLU E 132 21.73 -35.08 18.16
N SER E 133 21.98 -33.78 18.28
CA SER E 133 21.13 -32.92 19.07
C SER E 133 19.77 -32.69 18.40
N VAL E 134 18.73 -32.54 19.23
CA VAL E 134 17.42 -32.12 18.77
C VAL E 134 17.01 -30.79 19.39
N GLU E 135 17.88 -30.16 20.18
CA GLU E 135 17.54 -28.90 20.84
C GLU E 135 17.93 -27.68 20.02
N SER E 136 18.79 -27.85 19.03
CA SER E 136 19.23 -26.75 18.18
C SER E 136 19.76 -27.33 16.88
N PHE E 137 19.93 -26.45 15.89
CA PHE E 137 20.40 -26.84 14.57
C PHE E 137 21.28 -25.72 14.02
N GLU E 138 21.92 -25.99 12.88
CA GLU E 138 22.85 -25.04 12.27
C GLU E 138 22.55 -24.86 10.79
N THR E 139 22.96 -23.70 10.26
CA THR E 139 22.89 -23.41 8.84
C THR E 139 24.28 -23.05 8.34
N GLN E 140 24.49 -23.22 7.04
CA GLN E 140 25.76 -22.88 6.42
C GLN E 140 25.52 -22.61 4.94
N PHE E 141 26.30 -21.70 4.38
CA PHE E 141 26.05 -21.19 3.03
C PHE E 141 27.30 -21.32 2.17
N ILE E 142 27.11 -21.78 0.94
CA ILE E 142 28.17 -21.90 -0.05
C ILE E 142 27.75 -21.11 -1.28
N MET E 143 28.62 -20.23 -1.74
CA MET E 143 28.36 -19.45 -2.95
C MET E 143 28.91 -20.18 -4.15
N SER E 144 28.11 -20.27 -5.21
CA SER E 144 28.47 -21.02 -6.41
C SER E 144 28.67 -20.07 -7.58
N SER E 145 29.82 -20.20 -8.23
CA SER E 145 30.10 -19.37 -9.41
C SER E 145 29.22 -19.79 -10.58
N ARG E 146 29.01 -21.09 -10.75
CA ARG E 146 28.21 -21.67 -11.83
C ARG E 146 26.76 -21.79 -11.40
N PRO E 147 25.82 -21.74 -12.35
CA PRO E 147 24.42 -22.01 -12.02
C PRO E 147 24.24 -23.44 -11.53
N LEU E 148 23.11 -23.67 -10.87
CA LEU E 148 22.80 -24.98 -10.32
C LEU E 148 21.84 -25.74 -11.22
N GLU F 11 -14.66 -8.98 4.09
CA GLU F 11 -14.55 -10.40 3.75
C GLU F 11 -14.59 -11.23 5.04
N THR F 12 -14.92 -12.51 4.90
CA THR F 12 -15.03 -13.42 6.04
C THR F 12 -13.69 -14.08 6.32
N VAL F 13 -13.38 -14.26 7.60
CA VAL F 13 -12.09 -14.76 8.05
C VAL F 13 -12.30 -16.11 8.75
N THR F 14 -11.39 -17.04 8.47
CA THR F 14 -11.44 -18.35 9.12
C THR F 14 -11.14 -18.24 10.60
N CYS F 15 -12.02 -18.78 11.43
CA CYS F 15 -11.86 -18.78 12.88
C CYS F 15 -11.60 -20.19 13.39
N LEU F 16 -10.94 -20.26 14.54
CA LEU F 16 -10.62 -21.53 15.20
C LEU F 16 -11.28 -21.52 16.57
N GLN F 17 -12.46 -22.15 16.67
CA GLN F 17 -13.21 -22.18 17.92
C GLN F 17 -12.45 -23.01 18.93
N MET F 18 -11.79 -22.33 19.88
CA MET F 18 -10.97 -22.98 20.89
C MET F 18 -11.83 -23.26 22.13
N THR F 19 -12.55 -24.38 22.08
CA THR F 19 -13.33 -24.84 23.22
C THR F 19 -12.38 -25.60 24.14
N ILE F 20 -11.97 -24.96 25.22
CA ILE F 20 -10.91 -25.46 26.08
C ILE F 20 -11.50 -25.95 27.40
N TYR F 21 -10.71 -26.75 28.11
CA TYR F 21 -11.08 -27.27 29.41
C TYR F 21 -9.85 -27.80 30.11
N HIS F 22 -9.87 -27.71 31.45
CA HIS F 22 -8.85 -28.27 32.32
C HIS F 22 -9.55 -28.66 33.62
N PRO F 23 -9.20 -29.82 34.21
CA PRO F 23 -9.86 -30.21 35.46
C PRO F 23 -9.81 -29.16 36.55
N GLY F 24 -8.70 -28.42 36.65
CA GLY F 24 -8.59 -27.35 37.62
C GLY F 24 -8.85 -25.99 37.03
N GLN F 25 -9.82 -25.91 36.13
CA GLN F 25 -10.15 -24.62 35.51
C GLN F 25 -10.84 -23.69 36.49
N GLN F 26 -11.60 -24.24 37.43
CA GLN F 26 -12.26 -23.41 38.44
C GLN F 26 -11.26 -22.73 39.36
N SER F 27 -10.03 -23.25 39.44
CA SER F 27 -8.99 -22.61 40.23
C SER F 27 -8.56 -21.27 39.67
N GLY F 28 -8.78 -21.04 38.38
CA GLY F 28 -8.40 -19.78 37.76
C GLY F 28 -6.99 -19.77 37.22
N ILE F 29 -6.75 -20.49 36.13
CA ILE F 29 -5.44 -20.53 35.48
C ILE F 29 -5.53 -20.10 34.02
N PHE F 30 -6.73 -19.80 33.54
CA PHE F 30 -6.95 -19.18 32.24
C PHE F 30 -7.07 -17.66 32.35
N LYS F 31 -6.45 -17.06 33.38
CA LYS F 31 -6.59 -15.63 33.61
C LYS F 31 -6.09 -14.82 32.42
N SER F 32 -4.94 -15.19 31.86
CA SER F 32 -4.37 -14.43 30.77
C SER F 32 -5.20 -14.53 29.49
N ILE F 33 -6.17 -15.43 29.44
CA ILE F 33 -6.94 -15.68 28.23
C ILE F 33 -8.26 -14.93 28.32
N ARG F 34 -8.45 -13.95 27.46
CA ARG F 34 -9.77 -13.35 27.27
C ARG F 34 -10.61 -14.29 26.41
N PHE F 35 -11.87 -14.46 26.80
CA PHE F 35 -12.72 -15.51 26.25
C PHE F 35 -13.71 -14.97 25.24
N SER F 36 -14.07 -15.83 24.28
CA SER F 36 -15.08 -15.58 23.25
C SER F 36 -14.83 -14.29 22.47
N SER F 37 -13.58 -13.81 22.43
CA SER F 37 -13.20 -12.64 21.64
C SER F 37 -12.40 -13.10 20.43
N LYS F 38 -12.97 -12.93 19.23
CA LYS F 38 -12.27 -13.23 18.00
C LYS F 38 -10.99 -12.41 17.89
N GLU F 39 -9.84 -13.05 18.09
CA GLU F 39 -8.55 -12.40 17.97
C GLU F 39 -7.95 -12.72 16.60
N LYS F 40 -7.66 -11.68 15.82
CA LYS F 40 -7.13 -11.85 14.48
C LYS F 40 -5.61 -11.81 14.51
N PHE F 41 -4.99 -12.77 13.83
CA PHE F 41 -3.56 -12.83 13.60
C PHE F 41 -3.32 -12.97 12.10
N PRO F 42 -2.28 -12.32 11.57
CA PRO F 42 -1.92 -12.56 10.17
C PRO F 42 -1.43 -13.99 9.97
N SER F 43 -1.64 -14.52 8.76
CA SER F 43 -1.15 -15.85 8.45
C SER F 43 0.37 -15.92 8.54
N ILE F 44 1.05 -14.78 8.52
CA ILE F 44 2.49 -14.73 8.66
C ILE F 44 2.95 -15.21 10.04
N GLU F 45 2.05 -15.24 11.02
CA GLU F 45 2.40 -15.48 12.41
C GLU F 45 2.27 -16.96 12.77
N VAL F 46 2.56 -17.24 14.04
CA VAL F 46 2.46 -18.56 14.64
C VAL F 46 1.96 -18.39 16.07
N VAL F 47 0.88 -19.08 16.41
CA VAL F 47 0.27 -18.96 17.73
C VAL F 47 0.94 -19.95 18.68
N LYS F 48 1.43 -19.44 19.81
CA LYS F 48 2.14 -20.26 20.78
C LYS F 48 1.32 -20.40 22.06
N PHE F 49 1.50 -21.53 22.74
CA PHE F 49 0.86 -21.81 24.02
C PHE F 49 1.90 -22.34 25.00
N GLY F 50 1.88 -21.81 26.22
CA GLY F 50 2.84 -22.26 27.22
C GLY F 50 2.79 -21.40 28.47
N ARG F 51 3.94 -21.29 29.13
CA ARG F 51 4.06 -20.56 30.38
C ARG F 51 4.59 -19.15 30.19
N ASN F 52 5.63 -18.97 29.37
CA ASN F 52 6.27 -17.67 29.22
C ASN F 52 5.32 -16.66 28.58
N SER F 53 5.06 -15.56 29.31
CA SER F 53 4.17 -14.53 28.80
C SER F 53 4.77 -13.77 27.63
N ASN F 54 6.10 -13.77 27.49
CA ASN F 54 6.77 -13.11 26.37
C ASN F 54 6.89 -14.03 25.16
N MET F 55 7.15 -15.32 25.38
CA MET F 55 7.30 -16.24 24.26
C MET F 55 5.95 -16.53 23.59
N CYS F 56 4.90 -16.75 24.39
CA CYS F 56 3.62 -17.20 23.89
C CYS F 56 2.60 -16.07 23.92
N GLN F 57 1.70 -16.10 22.93
CA GLN F 57 0.58 -15.17 22.92
C GLN F 57 -0.49 -15.55 23.93
N TYR F 58 -0.82 -16.84 23.99
CA TYR F 58 -1.81 -17.36 24.94
C TYR F 58 -1.07 -18.18 25.99
N THR F 59 -0.99 -17.63 27.20
CA THR F 59 -0.17 -18.20 28.26
C THR F 59 -1.05 -18.68 29.40
N PHE F 60 -0.55 -19.68 30.12
CA PHE F 60 -1.30 -20.35 31.18
C PHE F 60 -0.43 -20.35 32.43
N GLN F 61 -0.89 -19.63 33.47
CA GLN F 61 -0.15 -19.54 34.72
C GLN F 61 -0.22 -20.87 35.47
N ASP F 62 0.72 -21.77 35.15
CA ASP F 62 0.74 -23.11 35.73
C ASP F 62 2.16 -23.62 35.70
N LYS F 63 2.58 -24.29 36.77
CA LYS F 63 3.93 -24.85 36.82
C LYS F 63 4.09 -26.08 35.93
N GLN F 64 2.99 -26.59 35.36
CA GLN F 64 3.01 -27.80 34.55
C GLN F 64 3.27 -27.51 33.07
N VAL F 65 2.70 -26.43 32.53
CA VAL F 65 2.92 -26.11 31.13
C VAL F 65 4.39 -25.78 30.93
N SER F 66 4.97 -26.34 29.88
CA SER F 66 6.33 -26.01 29.50
C SER F 66 6.39 -24.53 29.10
N ARG F 67 7.61 -24.01 29.01
CA ARG F 67 7.79 -22.64 28.53
C ARG F 67 7.05 -22.43 27.22
N ILE F 68 7.11 -23.41 26.32
CA ILE F 68 6.31 -23.42 25.11
C ILE F 68 5.78 -24.84 24.92
N GLN F 69 4.46 -25.01 24.99
CA GLN F 69 3.85 -26.34 24.93
C GLN F 69 3.64 -26.80 23.49
N PHE F 70 3.03 -25.98 22.65
CA PHE F 70 2.81 -26.33 21.25
C PHE F 70 2.52 -25.05 20.47
N VAL F 71 2.50 -25.19 19.15
CA VAL F 71 2.28 -24.06 18.25
C VAL F 71 1.25 -24.46 17.19
N LEU F 72 0.59 -23.45 16.63
CA LEU F 72 -0.40 -23.64 15.58
C LEU F 72 -0.08 -22.68 14.44
N GLN F 73 0.36 -23.24 13.31
CA GLN F 73 0.68 -22.40 12.17
C GLN F 73 -0.30 -22.65 11.03
N PRO F 74 -0.79 -21.61 10.38
CA PRO F 74 -1.70 -21.83 9.24
C PRO F 74 -0.93 -22.14 7.97
N PHE F 75 -1.63 -22.82 7.06
CA PHE F 75 -1.07 -23.16 5.76
C PHE F 75 -2.22 -23.43 4.81
N LYS F 76 -1.88 -23.65 3.55
CA LYS F 76 -2.83 -23.95 2.49
C LYS F 76 -2.64 -25.38 2.02
N GLN F 77 -3.72 -26.15 2.00
CA GLN F 77 -3.68 -27.49 1.43
C GLN F 77 -3.33 -27.42 -0.05
N PHE F 78 -2.76 -28.51 -0.56
CA PHE F 78 -2.35 -28.55 -1.95
C PHE F 78 -3.56 -28.56 -2.88
N ASN F 79 -3.51 -27.72 -3.92
CA ASN F 79 -4.61 -27.58 -4.87
C ASN F 79 -5.91 -27.20 -4.18
N SER F 80 -5.79 -26.37 -3.14
CA SER F 80 -6.92 -25.91 -2.36
C SER F 80 -6.96 -24.39 -2.36
N SER F 81 -7.95 -23.83 -1.64
CA SER F 81 -8.05 -22.38 -1.52
C SER F 81 -8.56 -21.95 -0.14
N VAL F 82 -8.35 -22.78 0.89
CA VAL F 82 -8.85 -22.51 2.23
C VAL F 82 -7.72 -22.76 3.22
N LEU F 83 -7.82 -22.11 4.38
CA LEU F 83 -6.79 -22.21 5.40
C LEU F 83 -6.94 -23.48 6.23
N SER F 84 -5.82 -24.14 6.49
CA SER F 84 -5.73 -25.25 7.44
C SER F 84 -4.63 -24.94 8.43
N PHE F 85 -4.60 -25.72 9.51
CA PHE F 85 -3.62 -25.53 10.57
C PHE F 85 -2.78 -26.79 10.73
N GLU F 86 -1.60 -26.62 11.34
CA GLU F 86 -0.63 -27.70 11.50
C GLU F 86 0.01 -27.57 12.87
N ILE F 87 -0.50 -28.35 13.83
CA ILE F 87 0.00 -28.26 15.19
C ILE F 87 1.36 -28.95 15.31
N LYS F 88 2.05 -28.67 16.41
CA LYS F 88 3.41 -29.17 16.61
C LYS F 88 3.73 -29.07 18.09
N ASN F 89 3.99 -30.21 18.73
CA ASN F 89 4.29 -30.22 20.15
C ASN F 89 5.68 -29.64 20.40
N MET F 90 5.78 -28.82 21.46
CA MET F 90 7.01 -28.08 21.76
C MET F 90 7.53 -28.38 23.16
N SER F 91 7.05 -29.44 23.79
CA SER F 91 7.41 -29.76 25.16
C SER F 91 8.32 -30.99 25.20
N LYS F 92 9.39 -30.91 25.99
CA LYS F 92 10.24 -32.07 26.21
C LYS F 92 9.60 -33.07 27.15
N LYS F 93 8.90 -32.57 28.17
CA LYS F 93 8.37 -33.47 29.21
C LYS F 93 7.03 -34.06 28.79
N THR F 94 6.07 -33.21 28.48
CA THR F 94 4.69 -33.62 28.27
C THR F 94 4.44 -33.80 26.78
N SER F 95 4.11 -35.02 26.37
CA SER F 95 3.74 -35.29 24.99
C SER F 95 2.35 -34.75 24.70
N LEU F 96 2.04 -34.62 23.41
CA LEU F 96 0.80 -34.03 22.95
C LEU F 96 -0.04 -35.08 22.24
N MET F 97 -1.36 -35.04 22.48
CA MET F 97 -2.29 -36.03 21.93
C MET F 97 -3.24 -35.32 20.97
N VAL F 98 -3.01 -35.51 19.66
CA VAL F 98 -3.93 -35.07 18.64
C VAL F 98 -4.86 -36.24 18.36
N ASP F 99 -6.08 -36.17 18.89
CA ASP F 99 -7.05 -37.27 18.86
C ASP F 99 -6.40 -38.47 19.56
N ASN F 100 -6.27 -39.62 18.91
CA ASN F 100 -5.61 -40.78 19.49
C ASN F 100 -4.16 -40.91 19.02
N GLN F 101 -3.66 -39.92 18.29
CA GLN F 101 -2.27 -39.90 17.85
C GLN F 101 -1.42 -39.13 18.86
N GLU F 102 -0.26 -39.67 19.19
CA GLU F 102 0.65 -39.05 20.15
C GLU F 102 1.76 -38.30 19.41
N LEU F 103 1.96 -37.04 19.80
CA LEU F 103 3.01 -36.21 19.25
C LEU F 103 4.06 -35.98 20.34
N GLY F 104 5.27 -36.48 20.12
CA GLY F 104 6.37 -36.23 21.01
C GLY F 104 6.96 -34.84 20.82
N TYR F 105 8.13 -34.64 21.39
CA TYR F 105 8.83 -33.37 21.26
C TYR F 105 9.14 -33.09 19.79
N LEU F 106 8.67 -31.94 19.30
CA LEU F 106 8.85 -31.47 17.92
C LEU F 106 8.10 -32.30 16.90
N ASN F 107 7.18 -33.17 17.33
CA ASN F 107 6.34 -33.88 16.38
C ASN F 107 5.18 -33.00 15.93
N LYS F 108 4.74 -33.21 14.70
CA LYS F 108 3.74 -32.35 14.07
C LYS F 108 2.80 -33.20 13.22
N MET F 109 1.68 -32.59 12.84
CA MET F 109 0.74 -33.19 11.90
C MET F 109 -0.27 -32.13 11.49
N ASP F 110 -0.92 -32.37 10.35
CA ASP F 110 -1.94 -31.45 9.85
C ASP F 110 -3.26 -31.71 10.56
N LEU F 111 -3.98 -30.62 10.86
CA LEU F 111 -5.20 -30.82 11.64
C LEU F 111 -6.42 -30.88 10.73
N PRO F 112 -7.38 -31.75 11.03
CA PRO F 112 -8.68 -31.68 10.36
C PRO F 112 -9.61 -30.68 11.01
N TYR F 113 -10.88 -30.68 10.61
CA TYR F 113 -11.83 -29.72 11.15
C TYR F 113 -12.19 -30.01 12.60
N LYS F 114 -12.23 -31.29 12.97
CA LYS F 114 -12.56 -31.71 14.33
C LYS F 114 -11.30 -32.25 14.99
N CYS F 115 -11.01 -31.76 16.20
CA CYS F 115 -9.79 -32.14 16.90
C CYS F 115 -10.03 -32.16 18.41
N MET F 116 -9.22 -32.95 19.10
CA MET F 116 -9.24 -33.03 20.55
C MET F 116 -7.80 -33.03 21.04
N LEU F 117 -7.35 -31.91 21.59
CA LEU F 117 -5.99 -31.79 22.09
C LEU F 117 -5.92 -32.20 23.55
N ARG F 118 -4.91 -33.00 23.89
CA ARG F 118 -4.70 -33.48 25.24
C ARG F 118 -3.23 -33.34 25.61
N PHE F 119 -2.95 -32.64 26.70
CA PHE F 119 -1.60 -32.54 27.23
C PHE F 119 -1.69 -32.31 28.73
N GLY F 120 -1.01 -33.17 29.50
CA GLY F 120 -1.14 -33.15 30.94
C GLY F 120 -2.55 -33.46 31.39
N GLU F 121 -3.30 -32.43 31.74
CA GLU F 121 -4.72 -32.56 32.05
C GLU F 121 -5.60 -31.71 31.14
N TYR F 122 -5.03 -30.76 30.41
CA TYR F 122 -5.81 -29.88 29.56
C TYR F 122 -6.47 -30.65 28.42
N GLN F 123 -7.67 -30.21 28.05
CA GLN F 123 -8.45 -30.84 26.99
C GLN F 123 -9.03 -29.73 26.11
N PHE F 124 -8.54 -29.63 24.89
CA PHE F 124 -8.91 -28.57 23.96
C PHE F 124 -9.70 -29.15 22.80
N LEU F 125 -10.85 -28.54 22.50
CA LEU F 125 -11.64 -28.88 21.33
C LEU F 125 -11.37 -27.83 20.24
N LEU F 126 -10.78 -28.26 19.14
CA LEU F 126 -10.40 -27.37 18.05
C LEU F 126 -11.38 -27.55 16.90
N GLN F 127 -12.16 -26.51 16.63
CA GLN F 127 -13.12 -26.50 15.54
C GLN F 127 -12.71 -25.44 14.52
N LYS F 128 -12.52 -25.86 13.28
CA LYS F 128 -12.17 -24.94 12.21
C LYS F 128 -13.43 -24.52 11.48
N GLU F 129 -13.65 -23.20 11.39
CA GLU F 129 -14.77 -22.62 10.66
C GLU F 129 -14.18 -21.80 9.52
N ASP F 130 -14.40 -22.25 8.28
CA ASP F 130 -13.71 -21.69 7.15
C ASP F 130 -14.26 -20.32 6.77
N GLY F 131 -13.35 -19.35 6.62
CA GLY F 131 -13.65 -18.08 6.03
C GLY F 131 -13.17 -18.00 4.60
N GLU F 132 -13.11 -16.78 4.08
CA GLU F 132 -12.66 -16.56 2.71
C GLU F 132 -11.24 -16.04 2.61
N SER F 133 -10.75 -15.33 3.62
CA SER F 133 -9.45 -14.69 3.57
C SER F 133 -8.36 -15.65 4.02
N VAL F 134 -7.24 -15.66 3.28
CA VAL F 134 -6.06 -16.43 3.67
C VAL F 134 -4.97 -15.54 4.24
N GLU F 135 -5.14 -14.22 4.22
CA GLU F 135 -4.10 -13.33 4.72
C GLU F 135 -4.04 -13.33 6.25
N SER F 136 -5.15 -13.67 6.91
CA SER F 136 -5.20 -13.71 8.36
C SER F 136 -6.13 -14.83 8.80
N PHE F 137 -6.20 -15.04 10.11
CA PHE F 137 -7.09 -16.01 10.71
C PHE F 137 -7.48 -15.52 12.10
N GLU F 138 -8.48 -16.17 12.70
CA GLU F 138 -8.99 -15.76 14.00
C GLU F 138 -9.05 -16.96 14.94
N THR F 139 -8.97 -16.67 16.24
CA THR F 139 -9.03 -17.67 17.29
C THR F 139 -10.01 -17.20 18.34
N GLN F 140 -11.11 -17.95 18.52
CA GLN F 140 -12.11 -17.63 19.52
C GLN F 140 -12.00 -18.64 20.66
N PHE F 141 -11.84 -18.13 21.87
CA PHE F 141 -11.65 -18.97 23.06
C PHE F 141 -12.97 -19.02 23.83
N ILE F 142 -13.74 -20.06 23.58
CA ILE F 142 -14.94 -20.36 24.37
C ILE F 142 -14.58 -21.40 25.40
N MET F 143 -15.12 -21.24 26.61
CA MET F 143 -14.77 -22.14 27.69
C MET F 143 -15.77 -23.29 27.76
N SER F 144 -15.60 -24.16 28.76
CA SER F 144 -16.50 -25.27 28.99
C SER F 144 -16.32 -25.72 30.44
N SER F 145 -17.09 -26.75 30.81
CA SER F 145 -16.93 -27.40 32.10
C SER F 145 -17.01 -28.92 32.02
N ARG F 146 -17.24 -29.49 30.86
CA ARG F 146 -17.42 -30.94 30.77
C ARG F 146 -16.07 -31.64 30.77
N PRO F 147 -15.85 -32.62 31.65
CA PRO F 147 -14.61 -33.40 31.58
C PRO F 147 -14.48 -34.24 30.31
N LEU F 148 -15.53 -34.34 29.51
CA LEU F 148 -15.49 -35.02 28.22
C LEU F 148 -15.01 -36.46 28.35
#